data_3N0S
#
_entry.id   3N0S
#
_cell.length_a   72.036
_cell.length_b   109.441
_cell.length_c   74.048
_cell.angle_alpha   90.00
_cell.angle_beta   111.86
_cell.angle_gamma   90.00
#
_symmetry.space_group_name_H-M   'P 1 21 1'
#
loop_
_entity.id
_entity.type
_entity.pdbx_description
1 polymer 'Aminoglycoside N3-acetyltransferase'
2 non-polymer 'ACETYL COENZYME *A'
3 non-polymer 'MAGNESIUM ION'
4 non-polymer '4-(2-HYDROXYETHYL)-1-PIPERAZINE ETHANESULFONIC ACID'
5 water water
#
_entity_poly.entity_id   1
_entity_poly.type   'polypeptide(L)'
_entity_poly.pdbx_seq_one_letter_code
;SNA(MSE)NDIVASTQLPNTIKTITNDLRKLGLKKG(MSE)TVIVHSSLSSIGWISGGAVAVVEAL(MSE)EVITEEGTI
I(MSE)PTQSSDLSDPKHWSRPPVPEEWWQIIRDNVPAFEPHITPTRA(MSE)GKVVECFRTYPNVVRSNHPLGSFAAWG
RHAEEITVNQSLS(MSE)SLGEESPLRKIYDLDGYILLIGVGYDSNTSVALSEVRSGACELIKVGAPIIENGERVWKEFV
D(MSE)DYDSDKFVEIGVEFEQKGTVT(MSE)GKIGNAKCRL(MSE)KQRDIVDFGTEWFRKKN
;
_entity_poly.pdbx_strand_id   A,D,C,B
#
loop_
_chem_comp.id
_chem_comp.type
_chem_comp.name
_chem_comp.formula
ACO non-polymer 'ACETYL COENZYME *A' 'C23 H38 N7 O17 P3 S'
EPE non-polymer '4-(2-HYDROXYETHYL)-1-PIPERAZINE ETHANESULFONIC ACID' 'C8 H18 N2 O4 S'
MG non-polymer 'MAGNESIUM ION' 'Mg 2'
#
# COMPACT_ATOMS: atom_id res chain seq x y z
N ASN A 2 14.05 3.38 1.02
CA ASN A 2 13.09 4.12 1.93
C ASN A 2 13.10 5.62 1.60
N ALA A 3 11.90 6.19 1.40
CA ALA A 3 11.71 7.64 1.11
C ALA A 3 12.61 8.58 1.93
N MSE A 4 12.45 8.60 3.26
CA MSE A 4 13.16 9.56 4.12
C MSE A 4 14.68 9.44 4.01
O MSE A 4 15.40 10.43 3.89
CB MSE A 4 12.71 9.47 5.59
CG MSE A 4 11.39 10.19 5.91
SE MSE A 4 11.37 12.14 5.41
CE MSE A 4 13.15 12.64 6.01
N ASN A 5 15.16 8.20 4.03
CA ASN A 5 16.60 7.94 3.85
C ASN A 5 17.17 8.58 2.61
N ASP A 6 16.43 8.51 1.51
CA ASP A 6 16.88 9.11 0.26
C ASP A 6 16.77 10.63 0.27
N ILE A 7 15.77 11.16 0.95
CA ILE A 7 15.65 12.59 1.10
C ILE A 7 16.83 13.19 1.87
N VAL A 8 17.26 12.50 2.93
CA VAL A 8 18.44 12.89 3.68
C VAL A 8 19.70 12.76 2.85
N ALA A 9 19.84 11.66 2.10
CA ALA A 9 21.11 11.42 1.37
C ALA A 9 21.23 12.39 0.22
N SER A 10 20.13 12.97 -0.22
CA SER A 10 20.22 13.99 -1.28
C SER A 10 20.31 15.44 -0.76
N THR A 11 20.49 15.62 0.54
CA THR A 11 20.60 16.96 1.14
C THR A 11 22.03 17.23 1.67
N GLN A 12 22.65 18.34 1.27
CA GLN A 12 23.98 18.63 1.75
C GLN A 12 23.91 19.31 3.10
N LEU A 13 23.11 20.36 3.21
CA LEU A 13 22.88 20.99 4.51
C LEU A 13 21.38 21.12 4.77
N PRO A 14 20.96 21.15 6.04
CA PRO A 14 19.57 21.19 6.32
C PRO A 14 18.93 22.47 5.84
N ASN A 15 17.80 22.32 5.13
CA ASN A 15 16.89 23.44 4.90
C ASN A 15 16.22 23.94 6.22
N THR A 16 16.15 25.23 6.43
CA THR A 16 15.55 25.71 7.65
C THR A 16 14.52 26.73 7.30
N ILE A 17 13.77 27.20 8.29
CA ILE A 17 12.94 28.36 8.05
C ILE A 17 13.79 29.48 7.41
N LYS A 18 14.98 29.69 7.95
CA LYS A 18 15.77 30.79 7.41
C LYS A 18 16.32 30.51 6.03
N THR A 19 16.78 29.31 5.72
CA THR A 19 17.31 29.12 4.37
C THR A 19 16.15 29.11 3.35
N ILE A 20 14.94 28.72 3.73
CA ILE A 20 13.81 28.74 2.77
C ILE A 20 13.35 30.16 2.50
N THR A 21 13.25 30.96 3.56
CA THR A 21 12.96 32.34 3.47
C THR A 21 13.94 33.02 2.50
N ASN A 22 15.20 32.74 2.69
CA ASN A 22 16.20 33.36 1.84
C ASN A 22 16.09 32.86 0.39
N ASP A 23 15.85 31.58 0.18
CA ASP A 23 15.66 31.05 -1.18
C ASP A 23 14.41 31.67 -1.86
N LEU A 24 13.33 31.84 -1.08
CA LEU A 24 12.12 32.50 -1.55
C LEU A 24 12.37 33.95 -1.98
N ARG A 25 13.09 34.73 -1.16
CA ARG A 25 13.41 36.10 -1.60
C ARG A 25 14.30 36.13 -2.82
N LYS A 26 15.23 35.20 -2.91
CA LYS A 26 16.15 35.16 -4.03
C LYS A 26 15.37 35.00 -5.33
N LEU A 27 14.40 34.10 -5.30
CA LEU A 27 13.50 33.80 -6.41
C LEU A 27 12.68 35.02 -6.79
N GLY A 28 12.27 35.80 -5.80
CA GLY A 28 11.59 37.08 -6.06
C GLY A 28 10.24 37.22 -5.40
N LEU A 29 9.95 36.36 -4.44
CA LEU A 29 8.78 36.57 -3.58
C LEU A 29 9.00 37.82 -2.69
N LYS A 30 7.98 38.68 -2.63
CA LYS A 30 8.13 39.95 -1.91
C LYS A 30 7.01 40.28 -0.95
N LYS A 31 7.34 41.10 0.06
CA LYS A 31 6.37 41.60 0.99
C LYS A 31 5.12 42.12 0.23
N GLY A 32 3.95 41.74 0.69
CA GLY A 32 2.70 42.33 0.16
C GLY A 32 2.18 41.70 -1.14
N MSE A 33 2.92 40.76 -1.71
CA MSE A 33 2.43 39.99 -2.87
C MSE A 33 1.23 39.12 -2.53
O MSE A 33 1.12 38.60 -1.43
CB MSE A 33 3.54 39.07 -3.37
CG MSE A 33 4.41 39.63 -4.51
SE MSE A 33 5.64 38.19 -5.25
CE MSE A 33 4.54 36.63 -5.02
N THR A 34 0.32 38.98 -3.51
CA THR A 34 -0.72 37.93 -3.52
C THR A 34 -0.24 36.70 -4.29
N VAL A 35 -0.19 35.54 -3.65
CA VAL A 35 0.41 34.37 -4.28
C VAL A 35 -0.30 33.03 -4.01
N ILE A 36 -0.60 32.29 -5.08
CA ILE A 36 -1.15 30.94 -4.94
C ILE A 36 0.00 29.96 -4.97
N VAL A 37 0.09 29.06 -4.00
CA VAL A 37 1.26 28.20 -3.88
C VAL A 37 0.89 26.72 -4.06
N HIS A 38 1.73 26.00 -4.82
CA HIS A 38 1.60 24.57 -4.99
C HIS A 38 2.95 23.97 -4.70
N SER A 39 2.97 22.86 -3.99
CA SER A 39 4.27 22.30 -3.56
C SER A 39 4.32 20.81 -3.28
N SER A 40 5.52 20.30 -3.37
CA SER A 40 5.94 18.99 -2.92
C SER A 40 6.99 19.17 -1.84
N LEU A 41 6.70 18.75 -0.61
CA LEU A 41 7.63 18.87 0.47
C LEU A 41 8.95 18.09 0.26
N SER A 42 8.83 16.86 -0.23
CA SER A 42 10.01 16.02 -0.46
C SER A 42 10.98 16.59 -1.50
N SER A 43 10.45 17.25 -2.52
CA SER A 43 11.33 17.81 -3.54
C SER A 43 12.34 18.83 -2.99
N ILE A 44 12.00 19.51 -1.90
CA ILE A 44 12.92 20.50 -1.31
C ILE A 44 14.21 19.85 -0.76
N GLY A 45 14.12 18.59 -0.35
CA GLY A 45 15.21 17.95 0.40
C GLY A 45 14.89 18.07 1.90
N TRP A 46 15.71 17.50 2.75
CA TRP A 46 15.39 17.45 4.19
C TRP A 46 15.24 18.81 4.88
N ILE A 47 14.11 19.01 5.53
CA ILE A 47 13.82 20.28 6.16
C ILE A 47 13.65 20.13 7.64
N SER A 48 14.33 20.95 8.42
CA SER A 48 14.14 20.97 9.88
C SER A 48 12.82 21.68 10.24
N GLY A 49 11.86 20.89 10.70
CA GLY A 49 10.51 21.37 10.96
C GLY A 49 9.50 21.05 9.85
N GLY A 50 9.93 20.35 8.81
CA GLY A 50 8.98 19.86 7.75
C GLY A 50 8.04 20.94 7.23
N ALA A 51 6.75 20.59 7.16
CA ALA A 51 5.75 21.45 6.53
C ALA A 51 5.64 22.77 7.27
N VAL A 52 5.85 22.73 8.60
CA VAL A 52 5.76 23.92 9.41
C VAL A 52 6.80 24.93 8.97
N ALA A 53 7.99 24.47 8.63
CA ALA A 53 9.03 25.38 8.21
C ALA A 53 8.68 26.09 6.91
N VAL A 54 8.12 25.36 5.95
CA VAL A 54 7.71 25.96 4.68
C VAL A 54 6.62 27.01 4.85
N VAL A 55 5.60 26.71 5.64
CA VAL A 55 4.50 27.67 5.88
C VAL A 55 4.96 28.94 6.62
N GLU A 56 5.83 28.77 7.62
CA GLU A 56 6.30 29.87 8.39
C GLU A 56 7.20 30.70 7.50
N ALA A 57 7.95 30.07 6.59
CA ALA A 57 8.83 30.85 5.71
C ALA A 57 8.05 31.70 4.70
N LEU A 58 7.01 31.11 4.08
CA LEU A 58 6.11 31.82 3.18
C LEU A 58 5.53 33.03 3.91
N MSE A 59 5.03 32.84 5.12
CA MSE A 59 4.43 33.96 5.87
C MSE A 59 5.41 35.07 6.18
O MSE A 59 5.07 36.23 6.07
CB MSE A 59 3.81 33.45 7.16
CG MSE A 59 2.53 32.76 6.93
SE MSE A 59 1.99 31.66 8.43
CE MSE A 59 0.57 32.74 9.13
N GLU A 60 6.63 34.71 6.52
CA GLU A 60 7.66 35.70 6.85
C GLU A 60 7.98 36.58 5.63
N VAL A 61 7.98 35.98 4.45
CA VAL A 61 8.25 36.72 3.28
C VAL A 61 7.06 37.58 2.84
N ILE A 62 5.86 37.01 2.81
CA ILE A 62 4.69 37.74 2.25
C ILE A 62 4.12 38.74 3.24
N THR A 63 4.18 38.35 4.52
CA THR A 63 3.62 39.10 5.60
C THR A 63 2.13 39.29 5.48
N GLU A 64 1.53 39.76 6.56
CA GLU A 64 0.11 40.01 6.64
C GLU A 64 -0.41 41.08 5.67
N GLU A 65 0.50 41.89 5.11
CA GLU A 65 0.15 42.82 4.06
C GLU A 65 -0.04 42.09 2.74
N GLY A 66 0.52 40.89 2.61
CA GLY A 66 0.26 40.12 1.40
C GLY A 66 -0.84 39.08 1.62
N THR A 67 -0.94 38.15 0.68
CA THR A 67 -1.91 37.07 0.78
C THR A 67 -1.33 35.80 0.20
N ILE A 68 -1.55 34.70 0.93
CA ILE A 68 -1.13 33.38 0.49
C ILE A 68 -2.40 32.55 0.30
N ILE A 69 -2.47 31.86 -0.83
CA ILE A 69 -3.60 31.02 -1.14
C ILE A 69 -3.03 29.68 -1.52
N MSE A 70 -3.76 28.63 -1.15
CA MSE A 70 -3.47 27.27 -1.53
C MSE A 70 -4.77 26.52 -1.80
O MSE A 70 -5.77 26.72 -1.14
CB MSE A 70 -2.71 26.53 -0.43
CG MSE A 70 -1.45 27.22 0.06
SE MSE A 70 -0.22 25.97 1.00
CE MSE A 70 1.07 27.35 1.57
N PRO A 71 -4.77 25.63 -2.79
CA PRO A 71 -5.90 24.74 -3.02
C PRO A 71 -6.06 23.70 -1.91
N THR A 72 -7.30 23.54 -1.45
CA THR A 72 -7.64 22.60 -0.41
C THR A 72 -8.74 21.66 -0.84
N GLN A 73 -8.53 20.96 -1.94
CA GLN A 73 -9.52 20.05 -2.51
C GLN A 73 -9.78 18.81 -1.70
N SER A 74 -11.05 18.41 -1.67
CA SER A 74 -11.47 17.28 -0.91
C SER A 74 -12.35 16.39 -1.78
N SER A 75 -11.74 15.86 -2.82
CA SER A 75 -12.39 15.06 -3.78
C SER A 75 -12.92 13.72 -3.25
N ASP A 76 -12.59 13.32 -2.01
CA ASP A 76 -13.21 12.10 -1.48
C ASP A 76 -14.66 12.32 -1.06
N LEU A 77 -15.15 13.52 -1.21
CA LEU A 77 -16.53 13.80 -0.84
C LEU A 77 -17.46 13.73 -2.07
N SER A 78 -16.95 13.39 -3.24
CA SER A 78 -17.67 13.54 -4.47
C SER A 78 -18.43 12.26 -4.80
N ASP A 79 -19.20 12.34 -5.87
CA ASP A 79 -20.04 11.23 -6.24
C ASP A 79 -19.13 10.13 -6.72
N PRO A 80 -19.29 8.93 -6.19
CA PRO A 80 -18.38 7.84 -6.54
C PRO A 80 -18.55 7.29 -7.95
N LYS A 81 -19.65 7.64 -8.64
CA LYS A 81 -19.78 7.20 -10.03
C LYS A 81 -18.53 7.56 -10.84
N HIS A 82 -17.92 8.73 -10.59
CA HIS A 82 -16.71 9.15 -11.33
C HIS A 82 -15.35 8.74 -10.73
N TRP A 83 -15.31 7.93 -9.69
CA TRP A 83 -14.01 7.67 -9.12
C TRP A 83 -13.18 6.78 -10.03
N SER A 84 -11.91 7.14 -10.23
CA SER A 84 -10.96 6.22 -10.87
C SER A 84 -9.69 5.91 -10.07
N ARG A 85 -9.34 6.70 -9.06
CA ARG A 85 -8.15 6.37 -8.27
C ARG A 85 -8.39 6.36 -6.77
N PRO A 86 -8.95 5.25 -6.26
CA PRO A 86 -9.41 4.12 -7.06
C PRO A 86 -10.90 4.13 -7.23
N PRO A 87 -11.42 3.28 -8.12
CA PRO A 87 -12.88 3.08 -8.19
C PRO A 87 -13.37 2.19 -7.05
N VAL A 88 -14.66 2.24 -6.73
CA VAL A 88 -15.26 1.31 -5.77
C VAL A 88 -16.42 0.57 -6.46
N PRO A 89 -16.81 -0.60 -5.96
CA PRO A 89 -17.94 -1.36 -6.56
C PRO A 89 -19.23 -0.56 -6.60
N GLU A 90 -20.00 -0.76 -7.66
CA GLU A 90 -21.17 0.06 -7.94
C GLU A 90 -22.18 -0.06 -6.83
N GLU A 91 -22.25 -1.24 -6.19
CA GLU A 91 -23.16 -1.46 -5.06
C GLU A 91 -22.87 -0.63 -3.80
N TRP A 92 -21.71 0.00 -3.73
CA TRP A 92 -21.36 0.93 -2.65
C TRP A 92 -21.88 2.34 -2.91
N TRP A 93 -22.31 2.64 -4.15
CA TRP A 93 -22.42 4.05 -4.53
C TRP A 93 -23.47 4.80 -3.76
N GLN A 94 -24.64 4.23 -3.64
CA GLN A 94 -25.72 4.89 -2.93
C GLN A 94 -25.40 4.94 -1.39
N ILE A 95 -24.76 3.90 -0.87
CA ILE A 95 -24.37 3.88 0.54
C ILE A 95 -23.44 5.06 0.84
N ILE A 96 -22.44 5.27 -0.01
CA ILE A 96 -21.61 6.41 0.07
C ILE A 96 -22.39 7.71 -0.03
N ARG A 97 -23.31 7.84 -0.97
CA ARG A 97 -24.03 9.12 -1.08
C ARG A 97 -24.87 9.41 0.16
N ASP A 98 -25.40 8.36 0.78
CA ASP A 98 -26.21 8.45 1.99
C ASP A 98 -25.39 8.66 3.30
N ASN A 99 -24.09 8.33 3.32
CA ASN A 99 -23.32 8.29 4.59
C ASN A 99 -22.05 9.10 4.70
N VAL A 100 -21.50 9.57 3.60
CA VAL A 100 -20.27 10.30 3.65
C VAL A 100 -20.52 11.59 4.41
N PRO A 101 -19.62 11.99 5.33
CA PRO A 101 -19.92 13.18 6.11
C PRO A 101 -19.82 14.48 5.33
N ALA A 102 -20.69 15.43 5.65
CA ALA A 102 -20.73 16.73 5.03
C ALA A 102 -19.43 17.49 5.21
N PHE A 103 -19.12 18.34 4.23
CA PHE A 103 -17.97 19.21 4.26
C PHE A 103 -18.13 20.22 5.38
N GLU A 104 -17.11 20.30 6.24
CA GLU A 104 -16.99 21.35 7.22
C GLU A 104 -15.59 21.88 7.02
N PRO A 105 -15.48 23.19 6.76
CA PRO A 105 -14.27 23.87 6.32
C PRO A 105 -13.08 23.67 7.29
N HIS A 106 -13.35 23.78 8.57
CA HIS A 106 -12.27 23.59 9.58
C HIS A 106 -11.85 22.11 9.71
N ILE A 107 -12.68 21.17 9.25
CA ILE A 107 -12.46 19.77 9.61
C ILE A 107 -12.09 18.87 8.47
N THR A 108 -12.72 19.05 7.29
CA THR A 108 -12.53 18.11 6.17
C THR A 108 -11.12 18.10 5.58
N PRO A 109 -10.47 16.92 5.55
CA PRO A 109 -9.10 16.87 5.08
C PRO A 109 -9.04 17.00 3.57
N THR A 110 -7.86 17.33 3.08
CA THR A 110 -7.64 17.50 1.69
C THR A 110 -7.25 16.17 1.22
N ARG A 111 -7.17 16.03 -0.08
CA ARG A 111 -6.67 14.84 -0.66
C ARG A 111 -5.83 15.24 -1.84
N ALA A 112 -4.64 14.69 -1.89
CA ALA A 112 -3.66 14.94 -2.96
C ALA A 112 -3.13 16.39 -3.01
N MSE A 113 -3.30 17.17 -1.96
CA MSE A 113 -2.79 18.54 -1.98
C MSE A 113 -1.37 18.66 -1.33
O MSE A 113 -0.59 19.56 -1.68
CB MSE A 113 -3.74 19.47 -1.22
CG MSE A 113 -5.16 19.51 -1.74
SE MSE A 113 -5.21 20.32 -3.54
CE MSE A 113 -5.14 18.63 -4.59
N GLY A 114 -1.04 17.72 -0.43
CA GLY A 114 0.29 17.64 0.17
C GLY A 114 0.34 18.10 1.63
N LYS A 115 1.37 17.70 2.37
CA LYS A 115 1.50 18.10 3.77
C LYS A 115 1.63 19.60 3.97
N VAL A 116 2.16 20.34 3.00
CA VAL A 116 2.26 21.75 3.17
C VAL A 116 0.84 22.34 3.33
N VAL A 117 -0.06 21.91 2.46
CA VAL A 117 -1.46 22.31 2.48
C VAL A 117 -2.18 21.88 3.76
N GLU A 118 -1.99 20.63 4.19
CA GLU A 118 -2.57 20.18 5.44
C GLU A 118 -2.11 21.03 6.66
N CYS A 119 -0.85 21.44 6.69
CA CYS A 119 -0.38 22.34 7.79
C CYS A 119 -1.00 23.72 7.60
N PHE A 120 -1.08 24.19 6.35
CA PHE A 120 -1.56 25.54 6.12
C PHE A 120 -3.00 25.73 6.54
N ARG A 121 -3.85 24.78 6.20
CA ARG A 121 -5.28 24.99 6.35
C ARG A 121 -5.74 24.95 7.80
N THR A 122 -4.97 24.37 8.71
CA THR A 122 -5.33 24.44 10.14
C THR A 122 -4.47 25.41 10.94
N TYR A 123 -3.63 26.15 10.24
CA TYR A 123 -2.80 27.15 10.83
C TYR A 123 -3.68 28.33 11.28
N PRO A 124 -3.36 28.93 12.42
CA PRO A 124 -4.30 29.94 12.96
C PRO A 124 -4.46 31.13 12.05
N ASN A 125 -5.69 31.59 11.93
CA ASN A 125 -6.04 32.74 11.07
C ASN A 125 -6.14 32.38 9.56
N VAL A 126 -5.92 31.11 9.20
CA VAL A 126 -6.10 30.70 7.85
C VAL A 126 -7.60 30.41 7.62
N VAL A 127 -8.14 30.94 6.54
CA VAL A 127 -9.57 30.86 6.24
C VAL A 127 -9.75 30.00 5.00
N ARG A 128 -10.82 29.23 4.96
CA ARG A 128 -11.05 28.27 3.91
C ARG A 128 -12.44 28.48 3.30
N SER A 129 -12.53 28.37 1.98
CA SER A 129 -13.81 28.59 1.30
C SER A 129 -14.76 27.43 1.51
N ASN A 130 -15.99 27.71 1.12
CA ASN A 130 -17.14 26.92 1.37
C ASN A 130 -17.33 25.67 0.52
N HIS A 131 -16.62 25.54 -0.59
CA HIS A 131 -16.95 24.53 -1.56
C HIS A 131 -16.59 23.15 -1.07
N PRO A 132 -17.49 22.18 -1.26
CA PRO A 132 -17.32 20.85 -0.73
C PRO A 132 -16.32 20.00 -1.47
N LEU A 133 -15.92 20.38 -2.68
CA LEU A 133 -14.92 19.61 -3.40
C LEU A 133 -13.72 20.42 -3.82
N GLY A 134 -13.90 21.71 -4.03
CA GLY A 134 -12.91 22.53 -4.73
C GLY A 134 -12.56 23.79 -3.94
N SER A 135 -12.46 23.66 -2.63
CA SER A 135 -12.22 24.82 -1.75
C SER A 135 -10.79 25.27 -1.89
N PHE A 136 -10.52 26.49 -1.41
CA PHE A 136 -9.17 27.04 -1.33
C PHE A 136 -9.02 27.58 0.07
N ALA A 137 -7.81 27.61 0.61
CA ALA A 137 -7.53 28.28 1.90
C ALA A 137 -6.71 29.50 1.62
N ALA A 138 -6.92 30.54 2.41
CA ALA A 138 -6.17 31.78 2.28
C ALA A 138 -5.77 32.38 3.64
N TRP A 139 -4.70 33.15 3.62
CA TRP A 139 -4.15 33.84 4.80
C TRP A 139 -3.64 35.18 4.36
N GLY A 140 -4.00 36.22 5.13
CA GLY A 140 -3.44 37.57 4.99
C GLY A 140 -4.46 38.59 4.49
N ARG A 141 -3.98 39.66 3.92
CA ARG A 141 -4.80 40.84 3.67
C ARG A 141 -6.15 40.55 2.94
N HIS A 142 -6.10 39.90 1.79
CA HIS A 142 -7.34 39.54 1.03
C HIS A 142 -7.85 38.14 1.30
N ALA A 143 -7.45 37.53 2.40
CA ALA A 143 -7.88 36.19 2.69
C ALA A 143 -9.39 36.02 2.57
N GLU A 144 -10.12 36.94 3.19
CA GLU A 144 -11.56 36.81 3.31
C GLU A 144 -12.22 37.15 2.01
N GLU A 145 -11.73 38.13 1.28
CA GLU A 145 -12.29 38.48 0.00
C GLU A 145 -12.13 37.35 -1.02
N ILE A 146 -11.05 36.60 -0.90
CA ILE A 146 -10.69 35.64 -1.94
C ILE A 146 -11.51 34.37 -1.79
N THR A 147 -11.83 34.04 -0.54
CA THR A 147 -12.41 32.77 -0.25
C THR A 147 -13.89 32.86 -0.02
N VAL A 148 -14.49 34.03 -0.03
CA VAL A 148 -15.92 34.11 0.23
C VAL A 148 -16.76 33.92 -1.05
N ASN A 149 -17.89 33.21 -0.90
CA ASN A 149 -18.98 33.11 -1.94
C ASN A 149 -18.56 32.33 -3.19
N GLN A 150 -17.82 31.25 -3.03
CA GLN A 150 -17.47 30.43 -4.16
C GLN A 150 -18.80 29.76 -4.55
N SER A 151 -19.18 29.81 -5.82
CA SER A 151 -20.44 29.15 -6.27
C SER A 151 -20.29 27.63 -6.31
N LEU A 152 -21.36 26.90 -6.04
CA LEU A 152 -21.31 25.43 -6.04
C LEU A 152 -20.89 24.89 -7.40
N SER A 153 -21.61 25.30 -8.45
CA SER A 153 -21.26 24.96 -9.84
C SER A 153 -20.08 25.77 -10.33
N MSE A 154 -19.28 25.15 -11.20
CA MSE A 154 -18.06 25.73 -11.78
C MSE A 154 -17.08 26.23 -10.68
O MSE A 154 -16.72 27.37 -10.63
CB MSE A 154 -18.39 26.83 -12.73
CG MSE A 154 -19.47 26.45 -13.76
SE MSE A 154 -18.86 24.99 -15.00
CE MSE A 154 -17.21 25.81 -15.74
N SER A 155 -16.67 25.31 -9.84
CA SER A 155 -15.87 25.61 -8.68
C SER A 155 -14.58 26.38 -9.05
N LEU A 156 -14.04 26.18 -10.27
CA LEU A 156 -12.80 26.81 -10.71
C LEU A 156 -13.02 27.93 -11.69
N GLY A 157 -14.19 28.54 -11.69
CA GLY A 157 -14.55 29.50 -12.68
C GLY A 157 -14.57 30.96 -12.23
N GLU A 158 -15.44 31.73 -12.88
CA GLU A 158 -15.42 33.16 -12.74
C GLU A 158 -15.86 33.61 -11.37
N GLU A 159 -16.52 32.76 -10.61
CA GLU A 159 -16.89 33.10 -9.22
C GLU A 159 -16.11 32.24 -8.22
N SER A 160 -14.82 32.09 -8.44
CA SER A 160 -13.99 31.27 -7.56
C SER A 160 -12.80 32.06 -7.13
N PRO A 161 -12.11 31.56 -6.13
CA PRO A 161 -10.86 32.20 -5.72
C PRO A 161 -9.92 32.46 -6.89
N LEU A 162 -9.98 31.66 -7.97
CA LEU A 162 -9.05 31.84 -9.10
C LEU A 162 -9.30 33.15 -9.80
N ARG A 163 -10.57 33.52 -9.91
CA ARG A 163 -10.93 34.80 -10.50
C ARG A 163 -10.49 35.98 -9.64
N LYS A 164 -10.67 35.88 -8.33
CA LYS A 164 -10.28 36.97 -7.45
C LYS A 164 -8.76 37.17 -7.48
N ILE A 165 -8.00 36.10 -7.70
CA ILE A 165 -6.56 36.23 -7.77
C ILE A 165 -6.19 36.93 -9.06
N TYR A 166 -6.86 36.54 -10.15
CA TYR A 166 -6.65 37.21 -11.44
C TYR A 166 -6.93 38.69 -11.32
N ASP A 167 -8.05 39.04 -10.69
CA ASP A 167 -8.41 40.45 -10.49
C ASP A 167 -7.40 41.21 -9.62
N LEU A 168 -6.70 40.51 -8.73
CA LEU A 168 -5.76 41.17 -7.82
C LEU A 168 -4.37 41.17 -8.47
N ASP A 169 -4.25 40.60 -9.66
CA ASP A 169 -3.00 40.54 -10.41
C ASP A 169 -1.94 39.78 -9.60
N GLY A 170 -2.35 38.65 -9.05
CA GLY A 170 -1.45 37.81 -8.24
C GLY A 170 -0.43 36.97 -8.99
N TYR A 171 0.38 36.25 -8.21
CA TYR A 171 1.41 35.35 -8.67
C TYR A 171 1.07 33.89 -8.38
N ILE A 172 1.71 33.00 -9.11
CA ILE A 172 1.66 31.59 -8.85
C ILE A 172 3.05 31.15 -8.51
N LEU A 173 3.25 30.39 -7.43
CA LEU A 173 4.53 29.83 -7.08
C LEU A 173 4.42 28.32 -7.10
N LEU A 174 5.21 27.67 -7.94
CA LEU A 174 5.31 26.24 -7.97
C LEU A 174 6.62 25.83 -7.29
N ILE A 175 6.56 24.93 -6.32
CA ILE A 175 7.73 24.48 -5.59
C ILE A 175 7.90 22.99 -5.76
N GLY A 176 8.85 22.62 -6.60
CA GLY A 176 9.08 21.23 -6.92
C GLY A 176 7.93 20.46 -7.54
N VAL A 177 7.06 21.13 -8.27
CA VAL A 177 6.01 20.43 -9.02
C VAL A 177 5.92 21.13 -10.38
N GLY A 178 5.20 20.51 -11.31
CA GLY A 178 5.11 21.06 -12.64
C GLY A 178 3.76 21.68 -12.93
N TYR A 179 3.56 21.98 -14.20
CA TYR A 179 2.37 22.68 -14.63
C TYR A 179 1.10 21.88 -14.41
N ASP A 180 1.19 20.56 -14.31
CA ASP A 180 -0.01 19.80 -14.05
C ASP A 180 -0.56 19.98 -12.67
N SER A 181 0.18 20.64 -11.78
CA SER A 181 -0.37 21.04 -10.47
C SER A 181 -0.88 22.47 -10.50
N ASN A 182 -0.74 23.15 -11.62
CA ASN A 182 -1.04 24.58 -11.68
C ASN A 182 -2.54 24.81 -11.84
N THR A 183 -3.24 24.90 -10.72
CA THR A 183 -4.67 25.04 -10.67
C THR A 183 -5.22 26.19 -11.52
N SER A 184 -4.53 27.32 -11.50
CA SER A 184 -5.01 28.54 -12.11
C SER A 184 -5.31 28.39 -13.62
N VAL A 185 -4.66 27.46 -14.31
CA VAL A 185 -4.94 27.23 -15.71
C VAL A 185 -6.34 26.62 -15.93
N ALA A 186 -6.96 26.08 -14.88
CA ALA A 186 -8.35 25.68 -14.97
C ALA A 186 -9.25 26.83 -15.44
N LEU A 187 -8.93 28.06 -15.02
CA LEU A 187 -9.63 29.24 -15.44
C LEU A 187 -9.51 29.45 -16.97
N SER A 188 -8.38 29.10 -17.54
CA SER A 188 -8.20 29.20 -18.97
C SER A 188 -9.14 28.23 -19.68
N GLU A 189 -9.25 27.00 -19.15
CA GLU A 189 -10.14 25.96 -19.72
C GLU A 189 -11.58 26.43 -19.70
N VAL A 190 -11.96 27.04 -18.59
CA VAL A 190 -13.30 27.58 -18.41
C VAL A 190 -13.66 28.71 -19.37
N ARG A 191 -12.78 29.69 -19.52
CA ARG A 191 -13.03 30.83 -20.37
C ARG A 191 -13.04 30.51 -21.87
N SER A 192 -12.26 29.51 -22.25
CA SER A 192 -12.21 29.09 -23.64
C SER A 192 -13.34 28.10 -23.89
N GLY A 193 -13.87 27.50 -22.82
CA GLY A 193 -14.88 26.47 -22.92
C GLY A 193 -14.38 25.18 -23.55
N ALA A 194 -13.14 24.82 -23.25
CA ALA A 194 -12.50 23.67 -23.89
C ALA A 194 -12.58 22.37 -23.10
N CYS A 195 -13.20 22.38 -21.92
CA CYS A 195 -13.42 21.12 -21.24
C CYS A 195 -14.88 20.73 -21.18
N GLU A 196 -15.07 19.45 -20.98
CA GLU A 196 -16.34 18.83 -20.87
C GLU A 196 -17.02 19.17 -19.54
N LEU A 197 -18.35 19.09 -19.51
CA LEU A 197 -19.13 19.32 -18.30
C LEU A 197 -19.59 18.00 -17.73
N ILE A 198 -19.71 17.93 -16.42
CA ILE A 198 -20.26 16.77 -15.73
C ILE A 198 -21.19 17.20 -14.61
N LYS A 199 -22.08 16.27 -14.29
CA LYS A 199 -23.01 16.42 -13.23
C LYS A 199 -22.31 15.79 -12.03
N VAL A 200 -22.05 16.57 -10.98
CA VAL A 200 -21.41 16.04 -9.77
C VAL A 200 -22.34 16.21 -8.58
N GLY A 201 -21.95 15.59 -7.47
CA GLY A 201 -22.61 15.82 -6.20
C GLY A 201 -21.63 15.83 -5.03
N ALA A 202 -22.09 16.36 -3.90
CA ALA A 202 -21.30 16.34 -2.71
C ALA A 202 -22.23 16.61 -1.53
N PRO A 203 -21.81 16.25 -0.31
CA PRO A 203 -22.62 16.49 0.85
C PRO A 203 -22.25 17.81 1.52
N ILE A 204 -23.22 18.67 1.73
CA ILE A 204 -23.02 19.89 2.46
C ILE A 204 -23.95 19.95 3.65
N ILE A 205 -23.76 20.97 4.48
CA ILE A 205 -24.60 21.28 5.65
C ILE A 205 -25.50 22.45 5.33
N GLU A 206 -26.77 22.18 5.04
CA GLU A 206 -27.78 23.23 4.80
C GLU A 206 -28.88 23.29 5.87
N ASN A 207 -29.16 24.52 6.29
CA ASN A 207 -30.08 24.76 7.39
C ASN A 207 -29.83 23.91 8.64
N GLY A 208 -28.58 23.51 8.85
CA GLY A 208 -28.23 22.63 9.98
C GLY A 208 -28.26 21.12 9.70
N GLU A 209 -28.67 20.75 8.49
CA GLU A 209 -28.82 19.34 8.09
C GLU A 209 -27.93 18.94 6.92
N ARG A 210 -27.46 17.71 6.95
CA ARG A 210 -26.65 17.19 5.86
C ARG A 210 -27.51 16.88 4.64
N VAL A 211 -27.22 17.56 3.55
CA VAL A 211 -27.90 17.32 2.28
C VAL A 211 -26.88 16.84 1.27
N TRP A 212 -27.22 15.82 0.50
CA TRP A 212 -26.43 15.48 -0.64
C TRP A 212 -26.89 16.39 -1.78
N LYS A 213 -25.97 17.14 -2.36
CA LYS A 213 -26.30 18.20 -3.31
C LYS A 213 -25.77 17.88 -4.71
N GLU A 214 -26.55 18.21 -5.75
CA GLU A 214 -26.16 18.02 -7.17
C GLU A 214 -25.85 19.34 -7.85
N PHE A 215 -24.84 19.34 -8.70
CA PHE A 215 -24.45 20.55 -9.39
C PHE A 215 -23.55 20.21 -10.59
N VAL A 216 -23.14 21.23 -11.31
CA VAL A 216 -22.39 21.05 -12.52
C VAL A 216 -20.98 21.52 -12.34
N ASP A 217 -20.02 20.75 -12.81
CA ASP A 217 -18.68 21.29 -12.89
C ASP A 217 -18.01 20.88 -14.17
N MSE A 218 -16.88 21.51 -14.44
CA MSE A 218 -16.11 21.19 -15.61
C MSE A 218 -15.21 20.02 -15.20
O MSE A 218 -14.76 19.93 -14.05
CB MSE A 218 -15.35 22.43 -16.09
CG MSE A 218 -14.34 22.22 -17.20
SE MSE A 218 -14.09 23.78 -18.45
CE MSE A 218 -15.90 23.84 -19.23
N ASP A 219 -14.96 19.13 -16.14
CA ASP A 219 -14.15 17.96 -15.91
C ASP A 219 -12.71 18.37 -16.20
N TYR A 220 -12.06 19.03 -15.22
CA TYR A 220 -10.77 19.67 -15.51
C TYR A 220 -9.74 18.56 -15.75
N ASP A 221 -8.96 18.73 -16.81
CA ASP A 221 -7.91 17.81 -17.23
C ASP A 221 -6.58 18.56 -17.14
N SER A 222 -5.75 18.15 -16.21
CA SER A 222 -4.51 18.88 -15.94
C SER A 222 -3.44 18.55 -16.96
N ASP A 223 -3.62 17.46 -17.69
CA ASP A 223 -2.59 16.98 -18.60
C ASP A 223 -2.32 17.91 -19.77
N LYS A 224 -3.29 18.68 -20.22
CA LYS A 224 -2.98 19.62 -21.29
C LYS A 224 -2.29 20.85 -20.72
N PHE A 225 -2.23 20.98 -19.40
CA PHE A 225 -1.55 22.11 -18.76
C PHE A 225 -0.05 22.07 -18.94
N VAL A 226 0.50 20.87 -18.98
CA VAL A 226 1.91 20.74 -19.18
C VAL A 226 2.25 21.44 -20.50
N GLU A 227 1.55 21.04 -21.55
CA GLU A 227 1.84 21.58 -22.88
C GLU A 227 1.79 23.11 -22.89
N ILE A 228 0.72 23.68 -22.33
CA ILE A 228 0.56 25.13 -22.21
C ILE A 228 1.76 25.79 -21.48
N GLY A 229 2.18 25.15 -20.38
CA GLY A 229 3.29 25.67 -19.54
C GLY A 229 4.57 25.77 -20.33
N VAL A 230 4.90 24.68 -21.00
CA VAL A 230 6.00 24.60 -21.94
C VAL A 230 6.03 25.75 -22.96
N GLU A 231 4.92 25.97 -23.67
CA GLU A 231 4.85 27.08 -24.62
C GLU A 231 4.80 28.46 -23.92
N PHE A 232 4.14 28.56 -22.78
CA PHE A 232 4.23 29.81 -22.06
C PHE A 232 5.67 30.22 -21.69
N GLU A 233 6.51 29.26 -21.34
CA GLU A 233 7.89 29.55 -20.88
C GLU A 233 8.80 30.11 -21.96
N GLN A 234 8.58 29.68 -23.18
CA GLN A 234 9.27 30.23 -24.34
C GLN A 234 8.98 31.71 -24.48
N LYS A 235 7.71 32.04 -24.36
CA LYS A 235 7.22 33.36 -24.67
C LYS A 235 7.26 34.18 -23.40
N GLY A 236 8.46 34.53 -22.93
CA GLY A 236 8.60 35.53 -21.87
C GLY A 236 9.09 35.14 -20.48
N THR A 237 8.16 35.14 -19.51
CA THR A 237 8.49 35.49 -18.10
C THR A 237 8.05 34.50 -17.03
N VAL A 238 8.92 33.55 -16.76
CA VAL A 238 8.79 32.70 -15.63
C VAL A 238 10.14 32.72 -14.96
N THR A 239 10.18 33.18 -13.71
CA THR A 239 11.41 33.25 -12.94
C THR A 239 11.63 31.88 -12.32
N MSE A 240 12.83 31.34 -12.50
CA MSE A 240 13.12 30.00 -12.02
C MSE A 240 14.30 29.98 -11.10
O MSE A 240 15.22 30.76 -11.25
CB MSE A 240 13.37 29.09 -13.19
CG MSE A 240 12.20 29.17 -14.18
SE MSE A 240 12.15 27.68 -15.37
CE MSE A 240 11.89 26.26 -14.07
N GLY A 241 14.28 29.07 -10.14
CA GLY A 241 15.33 29.02 -9.16
C GLY A 241 15.01 27.86 -8.28
N LYS A 242 15.93 27.57 -7.37
CA LYS A 242 15.79 26.48 -6.42
C LYS A 242 15.41 26.98 -5.05
N ILE A 243 14.63 26.16 -4.37
CA ILE A 243 14.43 26.26 -2.95
C ILE A 243 14.93 24.92 -2.43
N GLY A 244 16.13 24.90 -1.83
CA GLY A 244 16.77 23.63 -1.51
C GLY A 244 17.04 22.89 -2.81
N ASN A 245 16.64 21.62 -2.92
CA ASN A 245 16.77 20.90 -4.18
C ASN A 245 15.58 21.07 -5.12
N ALA A 246 14.56 21.80 -4.73
CA ALA A 246 13.33 21.89 -5.53
C ALA A 246 13.43 22.94 -6.61
N LYS A 247 13.00 22.56 -7.82
CA LYS A 247 12.93 23.48 -8.94
C LYS A 247 11.60 24.23 -8.85
N CYS A 248 11.72 25.54 -8.81
CA CYS A 248 10.58 26.37 -8.57
C CYS A 248 10.37 27.35 -9.68
N ARG A 249 9.12 27.80 -9.77
CA ARG A 249 8.71 28.79 -10.74
C ARG A 249 7.79 29.80 -10.15
N LEU A 250 7.91 31.01 -10.63
CA LEU A 250 7.16 32.10 -10.10
C LEU A 250 6.71 32.85 -11.30
N MSE A 251 5.40 33.02 -11.47
CA MSE A 251 4.90 33.72 -12.67
C MSE A 251 3.65 34.51 -12.30
O MSE A 251 3.08 34.31 -11.23
CB MSE A 251 4.63 32.72 -13.76
CG MSE A 251 3.32 31.98 -13.59
SE MSE A 251 3.29 30.12 -14.29
CE MSE A 251 4.62 29.30 -13.06
N LYS A 252 3.25 35.44 -13.15
CA LYS A 252 2.02 36.17 -12.92
C LYS A 252 0.83 35.35 -13.36
N GLN A 253 -0.18 35.26 -12.53
CA GLN A 253 -1.32 34.44 -12.88
C GLN A 253 -2.04 34.98 -14.11
N ARG A 254 -2.17 36.29 -14.19
CA ARG A 254 -2.87 36.91 -15.30
C ARG A 254 -2.22 36.58 -16.62
N ASP A 255 -0.88 36.62 -16.67
CA ASP A 255 -0.13 36.30 -17.88
C ASP A 255 -0.38 34.86 -18.32
N ILE A 256 -0.26 33.90 -17.41
CA ILE A 256 -0.47 32.50 -17.76
C ILE A 256 -1.94 32.22 -18.09
N VAL A 257 -2.87 32.79 -17.33
CA VAL A 257 -4.29 32.55 -17.61
C VAL A 257 -4.62 33.09 -19.02
N ASP A 258 -4.20 34.32 -19.31
CA ASP A 258 -4.44 34.92 -20.65
C ASP A 258 -3.76 34.14 -21.77
N PHE A 259 -2.59 33.56 -21.53
CA PHE A 259 -1.95 32.76 -22.56
C PHE A 259 -2.69 31.43 -22.77
N GLY A 260 -3.17 30.87 -21.68
CA GLY A 260 -3.86 29.63 -21.74
C GLY A 260 -5.19 29.78 -22.47
N THR A 261 -5.88 30.87 -22.18
CA THR A 261 -7.16 31.14 -22.87
C THR A 261 -6.99 31.12 -24.40
N GLU A 262 -6.02 31.89 -24.90
CA GLU A 262 -5.63 31.92 -26.30
C GLU A 262 -5.26 30.54 -26.82
N TRP A 263 -4.28 29.92 -26.21
CA TRP A 263 -3.88 28.56 -26.57
C TRP A 263 -5.07 27.60 -26.80
N PHE A 264 -6.11 27.71 -25.97
CA PHE A 264 -7.28 26.86 -26.14
C PHE A 264 -8.19 27.24 -27.30
N ARG A 265 -8.34 28.51 -27.61
CA ARG A 265 -9.21 28.88 -28.75
C ARG A 265 -8.79 28.10 -30.01
N LYS A 266 -7.50 28.07 -30.27
CA LYS A 266 -6.87 27.47 -31.49
C LYS A 266 -7.52 26.17 -31.94
N ASN B 2 2.39 -33.98 -13.79
CA ASN B 2 2.25 -32.48 -13.80
C ASN B 2 1.81 -31.88 -15.14
N ALA B 3 1.86 -32.69 -16.20
CA ALA B 3 1.28 -32.28 -17.50
C ALA B 3 -0.20 -32.19 -17.30
N MSE B 4 -0.79 -31.08 -17.68
CA MSE B 4 -2.20 -30.91 -17.56
C MSE B 4 -3.04 -32.05 -18.23
O MSE B 4 -4.09 -32.46 -17.73
CB MSE B 4 -2.57 -29.54 -18.14
CG MSE B 4 -2.03 -28.35 -17.36
SE MSE B 4 -2.73 -28.42 -15.51
CE MSE B 4 -4.64 -28.23 -15.77
N ASN B 5 -2.58 -32.59 -19.34
CA ASN B 5 -3.39 -33.65 -19.97
C ASN B 5 -3.44 -34.91 -19.09
N ASP B 6 -2.33 -35.23 -18.42
CA ASP B 6 -2.26 -36.36 -17.50
C ASP B 6 -3.17 -36.14 -16.27
N ILE B 7 -3.18 -34.92 -15.72
CA ILE B 7 -4.04 -34.54 -14.59
C ILE B 7 -5.53 -34.67 -14.94
N VAL B 8 -5.94 -34.17 -16.12
CA VAL B 8 -7.32 -34.34 -16.58
C VAL B 8 -7.66 -35.83 -16.72
N ALA B 9 -6.81 -36.61 -17.38
CA ALA B 9 -7.12 -38.02 -17.61
C ALA B 9 -7.15 -38.81 -16.32
N SER B 10 -6.50 -38.32 -15.28
CA SER B 10 -6.52 -39.04 -14.02
C SER B 10 -7.71 -38.65 -13.15
N THR B 11 -8.57 -37.76 -13.65
CA THR B 11 -9.68 -37.21 -12.85
C THR B 11 -10.99 -37.69 -13.45
N GLN B 12 -11.87 -38.24 -12.62
CA GLN B 12 -13.19 -38.67 -13.10
C GLN B 12 -14.14 -37.52 -13.39
N LEU B 13 -14.38 -36.69 -12.37
CA LEU B 13 -15.20 -35.48 -12.50
C LEU B 13 -14.41 -34.35 -11.87
N PRO B 14 -14.66 -33.12 -12.25
CA PRO B 14 -13.90 -31.98 -11.78
C PRO B 14 -13.98 -31.82 -10.28
N ASN B 15 -12.88 -31.47 -9.64
CA ASN B 15 -12.92 -30.95 -8.29
C ASN B 15 -13.40 -29.48 -8.32
N THR B 16 -14.20 -29.09 -7.35
CA THR B 16 -14.71 -27.71 -7.34
C THR B 16 -14.62 -27.17 -5.87
N ILE B 17 -14.93 -25.91 -5.68
CA ILE B 17 -14.98 -25.36 -4.37
C ILE B 17 -15.88 -26.19 -3.50
N LYS B 18 -17.06 -26.52 -4.00
CA LYS B 18 -18.03 -27.36 -3.27
C LYS B 18 -17.51 -28.74 -2.96
N THR B 19 -16.92 -29.43 -3.92
CA THR B 19 -16.46 -30.76 -3.64
C THR B 19 -15.21 -30.76 -2.74
N ILE B 20 -14.32 -29.81 -2.92
CA ILE B 20 -13.19 -29.72 -2.01
C ILE B 20 -13.64 -29.38 -0.57
N THR B 21 -14.57 -28.44 -0.42
CA THR B 21 -15.13 -28.10 0.91
C THR B 21 -15.75 -29.32 1.63
N ASN B 22 -16.58 -30.07 0.91
CA ASN B 22 -17.08 -31.34 1.43
C ASN B 22 -15.97 -32.32 1.89
N ASP B 23 -14.97 -32.51 1.05
CA ASP B 23 -13.87 -33.39 1.36
C ASP B 23 -13.06 -32.91 2.57
N LEU B 24 -12.91 -31.60 2.75
CA LEU B 24 -12.21 -31.08 3.93
C LEU B 24 -13.02 -31.35 5.19
N ARG B 25 -14.33 -31.16 5.10
CA ARG B 25 -15.18 -31.45 6.20
C ARG B 25 -15.13 -32.92 6.61
N LYS B 26 -15.20 -33.81 5.63
CA LYS B 26 -15.13 -35.25 5.89
C LYS B 26 -13.83 -35.67 6.55
N LEU B 27 -12.74 -35.00 6.17
CA LEU B 27 -11.42 -35.27 6.77
C LEU B 27 -11.36 -34.86 8.25
N GLY B 28 -12.18 -33.89 8.66
CA GLY B 28 -12.25 -33.40 10.07
C GLY B 28 -12.01 -31.89 10.23
N LEU B 29 -11.74 -31.19 9.13
CA LEU B 29 -11.54 -29.75 9.21
C LEU B 29 -12.87 -29.09 9.65
N LYS B 30 -12.76 -28.11 10.55
CA LYS B 30 -13.90 -27.47 11.24
C LYS B 30 -13.78 -25.95 11.43
N LYS B 31 -14.94 -25.32 11.52
CA LYS B 31 -15.01 -23.86 11.74
C LYS B 31 -14.29 -23.57 13.03
N GLY B 32 -13.40 -22.57 13.06
CA GLY B 32 -12.74 -22.17 14.29
C GLY B 32 -11.37 -22.77 14.51
N MSE B 33 -11.00 -23.83 13.81
CA MSE B 33 -9.66 -24.37 13.88
C MSE B 33 -8.56 -23.39 13.52
O MSE B 33 -8.72 -22.54 12.62
CB MSE B 33 -9.47 -25.49 12.86
CG MSE B 33 -10.21 -26.72 13.16
SE MSE B 33 -9.37 -28.31 12.28
CE MSE B 33 -10.67 -29.38 13.22
N THR B 34 -7.41 -23.59 14.15
CA THR B 34 -6.17 -23.05 13.71
C THR B 34 -5.46 -24.13 12.95
N VAL B 35 -5.12 -23.86 11.68
CA VAL B 35 -4.42 -24.87 10.84
C VAL B 35 -3.34 -24.28 9.91
N ILE B 36 -2.16 -24.91 9.95
CA ILE B 36 -1.11 -24.74 8.94
C ILE B 36 -1.28 -25.76 7.73
N VAL B 37 -1.26 -25.27 6.51
CA VAL B 37 -1.57 -26.11 5.33
C VAL B 37 -0.37 -26.17 4.43
N HIS B 38 -0.04 -27.38 3.99
CA HIS B 38 1.01 -27.63 3.04
C HIS B 38 0.36 -28.40 1.92
N SER B 39 0.67 -28.08 0.66
CA SER B 39 -0.11 -28.72 -0.41
C SER B 39 0.62 -28.85 -1.73
N SER B 40 0.16 -29.85 -2.50
CA SER B 40 0.43 -30.03 -3.90
C SER B 40 -0.88 -29.95 -4.70
N LEU B 41 -1.04 -28.90 -5.49
CA LEU B 41 -2.27 -28.73 -6.26
C LEU B 41 -2.53 -29.88 -7.25
N SER B 42 -1.47 -30.30 -7.92
CA SER B 42 -1.56 -31.34 -8.88
C SER B 42 -2.03 -32.68 -8.32
N SER B 43 -1.68 -32.99 -7.07
CA SER B 43 -2.03 -34.32 -6.51
C SER B 43 -3.54 -34.44 -6.34
N ILE B 44 -4.22 -33.33 -6.23
CA ILE B 44 -5.68 -33.37 -6.09
C ILE B 44 -6.44 -33.92 -7.30
N GLY B 45 -5.90 -33.77 -8.52
CA GLY B 45 -6.64 -34.02 -9.79
C GLY B 45 -7.18 -32.68 -10.28
N TRP B 46 -7.86 -32.63 -11.42
CA TRP B 46 -8.20 -31.35 -12.05
C TRP B 46 -9.23 -30.56 -11.25
N ILE B 47 -8.93 -29.26 -10.98
CA ILE B 47 -9.78 -28.41 -10.20
C ILE B 47 -10.23 -27.21 -11.01
N SER B 48 -11.48 -26.85 -10.90
CA SER B 48 -12.07 -25.74 -11.66
C SER B 48 -11.80 -24.51 -10.85
N GLY B 49 -10.94 -23.62 -11.32
CA GLY B 49 -10.42 -22.52 -10.48
C GLY B 49 -9.05 -22.72 -9.85
N GLY B 50 -8.40 -23.82 -10.17
CA GLY B 50 -7.09 -24.13 -9.63
C GLY B 50 -6.88 -23.77 -8.16
N ALA B 51 -5.81 -23.01 -7.92
CA ALA B 51 -5.36 -22.67 -6.55
C ALA B 51 -6.44 -21.84 -5.88
N VAL B 52 -7.03 -20.94 -6.65
CA VAL B 52 -8.10 -20.09 -6.13
C VAL B 52 -9.20 -20.94 -5.46
N ALA B 53 -9.58 -22.03 -6.12
CA ALA B 53 -10.64 -22.87 -5.57
C ALA B 53 -10.24 -23.49 -4.23
N VAL B 54 -8.98 -23.93 -4.11
CA VAL B 54 -8.50 -24.57 -2.88
C VAL B 54 -8.49 -23.54 -1.75
N VAL B 55 -8.08 -22.32 -2.04
CA VAL B 55 -8.06 -21.27 -1.02
C VAL B 55 -9.46 -20.89 -0.58
N GLU B 56 -10.40 -20.71 -1.49
CA GLU B 56 -11.77 -20.39 -1.08
C GLU B 56 -12.38 -21.50 -0.28
N ALA B 57 -12.06 -22.74 -0.62
CA ALA B 57 -12.64 -23.88 0.07
C ALA B 57 -12.11 -23.94 1.52
N LEU B 58 -10.81 -23.71 1.70
CA LEU B 58 -10.27 -23.67 3.07
C LEU B 58 -10.91 -22.51 3.83
N MSE B 59 -11.16 -21.39 3.16
CA MSE B 59 -11.73 -20.23 3.85
C MSE B 59 -13.12 -20.50 4.28
O MSE B 59 -13.51 -20.18 5.41
CB MSE B 59 -11.62 -18.98 3.03
CG MSE B 59 -10.17 -18.50 2.94
SE MSE B 59 -9.97 -16.94 1.77
CE MSE B 59 -8.07 -16.46 2.21
N GLU B 60 -13.86 -21.15 3.39
CA GLU B 60 -15.23 -21.54 3.65
C GLU B 60 -15.36 -22.41 4.86
N VAL B 61 -14.44 -23.32 5.09
CA VAL B 61 -14.60 -24.27 6.18
C VAL B 61 -14.08 -23.70 7.49
N ILE B 62 -12.92 -23.07 7.45
CA ILE B 62 -12.29 -22.51 8.68
C ILE B 62 -13.03 -21.27 9.13
N THR B 63 -13.40 -20.44 8.15
CA THR B 63 -13.98 -19.12 8.32
C THR B 63 -13.06 -18.16 9.12
N GLU B 64 -13.50 -16.92 9.21
CA GLU B 64 -12.76 -15.87 9.88
C GLU B 64 -12.56 -16.11 11.37
N GLU B 65 -13.38 -16.96 11.95
CA GLU B 65 -13.25 -17.29 13.32
C GLU B 65 -12.10 -18.26 13.59
N GLY B 66 -11.58 -18.86 12.54
CA GLY B 66 -10.44 -19.74 12.66
C GLY B 66 -9.26 -19.00 12.05
N THR B 67 -8.14 -19.70 11.91
CA THR B 67 -6.96 -19.14 11.28
C THR B 67 -6.30 -20.14 10.32
N ILE B 68 -5.89 -19.67 9.15
CA ILE B 68 -5.14 -20.47 8.21
C ILE B 68 -3.75 -19.92 8.13
N ILE B 69 -2.76 -20.78 8.31
CA ILE B 69 -1.39 -20.43 8.09
C ILE B 69 -0.72 -21.19 6.96
N MSE B 70 0.14 -20.54 6.21
CA MSE B 70 1.02 -21.23 5.32
C MSE B 70 2.42 -20.62 5.29
O MSE B 70 2.61 -19.40 5.44
CB MSE B 70 0.45 -21.23 3.91
CG MSE B 70 -0.95 -21.72 3.84
SE MSE B 70 -1.59 -21.87 1.87
CE MSE B 70 -3.51 -22.04 2.08
N PRO B 71 3.42 -21.49 5.10
CA PRO B 71 4.82 -21.06 5.01
C PRO B 71 5.02 -20.36 3.68
N THR B 72 5.76 -19.26 3.72
CA THR B 72 5.96 -18.40 2.57
C THR B 72 7.44 -18.16 2.46
N GLN B 73 8.21 -19.23 2.53
CA GLN B 73 9.64 -19.16 2.46
C GLN B 73 10.19 -18.59 1.16
N SER B 74 11.29 -17.87 1.35
CA SER B 74 11.98 -17.24 0.24
C SER B 74 13.50 -17.43 0.30
N SER B 75 13.91 -18.69 0.18
CA SER B 75 15.29 -19.17 0.34
C SER B 75 16.22 -18.57 -0.72
N ASP B 76 15.58 -18.16 -1.78
CA ASP B 76 16.12 -17.32 -2.79
C ASP B 76 16.98 -16.13 -2.36
N LEU B 77 16.66 -15.59 -1.20
CA LEU B 77 17.34 -14.41 -0.65
C LEU B 77 18.53 -14.77 0.24
N SER B 78 18.89 -16.04 0.29
CA SER B 78 19.92 -16.57 1.21
C SER B 78 21.34 -16.36 0.72
N ASP B 79 22.32 -16.53 1.63
CA ASP B 79 23.69 -16.39 1.28
C ASP B 79 24.05 -17.49 0.27
N PRO B 80 24.59 -17.10 -0.89
CA PRO B 80 24.90 -18.07 -1.94
C PRO B 80 26.01 -19.03 -1.56
N LYS B 81 26.70 -18.75 -0.45
CA LYS B 81 27.75 -19.64 -0.03
C LYS B 81 27.19 -21.02 0.24
N HIS B 82 25.96 -21.10 0.70
CA HIS B 82 25.34 -22.38 1.05
C HIS B 82 24.46 -23.04 -0.04
N TRP B 83 24.48 -22.55 -1.28
CA TRP B 83 23.51 -23.07 -2.28
C TRP B 83 23.95 -24.40 -2.89
N SER B 84 22.99 -25.33 -3.03
CA SER B 84 23.20 -26.64 -3.70
C SER B 84 22.17 -26.98 -4.81
N ARG B 85 21.06 -26.24 -4.89
CA ARG B 85 20.09 -26.48 -5.98
C ARG B 85 19.66 -25.20 -6.73
N PRO B 86 20.52 -24.72 -7.66
CA PRO B 86 21.86 -25.22 -7.97
C PRO B 86 22.84 -24.32 -7.19
N PRO B 87 24.15 -24.57 -7.29
CA PRO B 87 25.14 -23.67 -6.73
C PRO B 87 25.50 -22.62 -7.77
N VAL B 88 26.19 -21.58 -7.37
CA VAL B 88 26.64 -20.59 -8.33
C VAL B 88 28.12 -20.41 -8.08
N PRO B 89 28.89 -20.00 -9.10
CA PRO B 89 30.30 -19.71 -8.89
C PRO B 89 30.57 -18.76 -7.73
N GLU B 90 31.72 -18.96 -7.11
CA GLU B 90 32.12 -18.21 -5.91
C GLU B 90 32.33 -16.71 -6.18
N GLU B 91 32.80 -16.38 -7.38
CA GLU B 91 32.94 -14.97 -7.76
C GLU B 91 31.60 -14.20 -7.87
N TRP B 92 30.46 -14.91 -7.88
CA TRP B 92 29.18 -14.24 -7.86
C TRP B 92 28.73 -13.90 -6.46
N TRP B 93 29.29 -14.57 -5.45
CA TRP B 93 28.73 -14.52 -4.11
C TRP B 93 28.62 -13.14 -3.53
N GLN B 94 29.66 -12.33 -3.65
CA GLN B 94 29.65 -11.01 -3.02
C GLN B 94 28.79 -10.06 -3.83
N ILE B 95 28.79 -10.23 -5.15
CA ILE B 95 27.87 -9.48 -5.99
C ILE B 95 26.41 -9.73 -5.61
N ILE B 96 26.04 -10.99 -5.37
CA ILE B 96 24.69 -11.31 -4.94
C ILE B 96 24.43 -10.68 -3.57
N ARG B 97 25.40 -10.78 -2.64
CA ARG B 97 25.21 -10.15 -1.32
C ARG B 97 24.95 -8.66 -1.42
N ASP B 98 25.60 -8.01 -2.36
CA ASP B 98 25.43 -6.58 -2.51
C ASP B 98 24.24 -6.14 -3.35
N ASN B 99 23.57 -7.07 -4.06
CA ASN B 99 22.57 -6.66 -5.03
C ASN B 99 21.18 -7.29 -4.93
N VAL B 100 21.05 -8.44 -4.30
CA VAL B 100 19.76 -9.12 -4.28
C VAL B 100 18.80 -8.19 -3.56
N PRO B 101 17.58 -7.98 -4.09
CA PRO B 101 16.68 -7.05 -3.39
C PRO B 101 16.27 -7.52 -1.99
N ALA B 102 16.18 -6.57 -1.06
CA ALA B 102 15.75 -6.84 0.30
C ALA B 102 14.34 -7.48 0.35
N PHE B 103 14.08 -8.24 1.43
CA PHE B 103 12.75 -8.77 1.70
C PHE B 103 11.77 -7.66 1.97
N GLU B 104 10.60 -7.79 1.39
CA GLU B 104 9.49 -6.84 1.53
C GLU B 104 8.21 -7.73 1.49
N PRO B 105 7.46 -7.79 2.60
CA PRO B 105 6.46 -8.81 2.75
C PRO B 105 5.37 -8.76 1.67
N HIS B 106 5.03 -7.57 1.18
CA HIS B 106 4.04 -7.43 0.16
C HIS B 106 4.50 -7.81 -1.22
N ILE B 107 5.77 -8.12 -1.43
CA ILE B 107 6.34 -8.20 -2.76
C ILE B 107 7.13 -9.49 -3.03
N THR B 108 7.95 -9.88 -2.06
CA THR B 108 8.79 -11.00 -2.24
C THR B 108 8.10 -12.35 -2.52
N PRO B 109 8.42 -12.95 -3.64
CA PRO B 109 7.78 -14.20 -4.05
C PRO B 109 8.34 -15.34 -3.26
N THR B 110 7.51 -16.36 -3.08
CA THR B 110 7.93 -17.60 -2.46
C THR B 110 8.68 -18.51 -3.40
N ARG B 111 9.41 -19.44 -2.82
CA ARG B 111 10.16 -20.39 -3.61
C ARG B 111 9.91 -21.80 -3.11
N ALA B 112 9.37 -22.64 -4.00
CA ALA B 112 9.12 -24.06 -3.73
C ALA B 112 8.02 -24.27 -2.70
N MSE B 113 7.16 -23.28 -2.48
CA MSE B 113 6.01 -23.44 -1.57
C MSE B 113 4.70 -23.92 -2.34
O MSE B 113 3.80 -24.52 -1.74
CB MSE B 113 5.73 -22.11 -0.86
CG MSE B 113 6.91 -21.55 -0.08
SE MSE B 113 7.25 -22.64 1.47
CE MSE B 113 8.74 -23.67 0.92
N GLY B 114 4.63 -23.61 -3.63
CA GLY B 114 3.51 -24.05 -4.52
C GLY B 114 2.51 -22.97 -4.84
N LYS B 115 1.65 -23.30 -5.80
CA LYS B 115 0.68 -22.38 -6.31
C LYS B 115 -0.39 -22.02 -5.32
N VAL B 116 -0.73 -22.96 -4.45
CA VAL B 116 -1.70 -22.61 -3.44
C VAL B 116 -1.18 -21.47 -2.52
N VAL B 117 0.07 -21.58 -2.07
CA VAL B 117 0.64 -20.52 -1.25
C VAL B 117 0.80 -19.19 -1.98
N GLU B 118 1.30 -19.21 -3.21
CA GLU B 118 1.39 -17.99 -3.98
C GLU B 118 0.05 -17.29 -4.16
N CYS B 119 -1.03 -18.05 -4.41
CA CYS B 119 -2.39 -17.48 -4.40
C CYS B 119 -2.74 -16.96 -2.95
N PHE B 120 -2.67 -17.84 -1.99
CA PHE B 120 -2.99 -17.43 -0.62
C PHE B 120 -2.27 -16.17 -0.19
N ARG B 121 -0.97 -16.10 -0.39
CA ARG B 121 -0.28 -14.94 0.18
C ARG B 121 -0.74 -13.60 -0.35
N THR B 122 -1.25 -13.52 -1.60
CA THR B 122 -1.72 -12.27 -2.16
C THR B 122 -3.21 -12.00 -1.85
N TYR B 123 -3.94 -12.91 -1.24
CA TYR B 123 -5.28 -12.53 -0.79
C TYR B 123 -5.32 -11.35 0.15
N PRO B 124 -6.42 -10.60 0.11
CA PRO B 124 -6.57 -9.26 0.66
C PRO B 124 -6.25 -9.01 2.16
N ASN B 125 -6.82 -9.81 3.03
CA ASN B 125 -6.62 -9.65 4.44
C ASN B 125 -5.64 -10.67 5.00
N VAL B 126 -4.75 -11.16 4.14
CA VAL B 126 -3.69 -12.03 4.55
C VAL B 126 -2.48 -11.22 5.07
N VAL B 127 -1.93 -11.63 6.19
CA VAL B 127 -0.78 -10.96 6.75
C VAL B 127 0.45 -11.88 6.70
N ARG B 128 1.63 -11.32 6.48
CA ARG B 128 2.90 -12.06 6.43
C ARG B 128 3.91 -11.61 7.51
N SER B 129 4.67 -12.53 8.06
CA SER B 129 5.69 -12.23 9.08
C SER B 129 6.92 -11.62 8.37
N ASN B 130 7.85 -11.06 9.15
CA ASN B 130 8.86 -10.19 8.58
C ASN B 130 10.17 -10.89 8.16
N HIS B 131 10.30 -12.19 8.34
CA HIS B 131 11.57 -12.84 8.11
C HIS B 131 11.94 -12.94 6.65
N PRO B 132 13.20 -12.68 6.32
CA PRO B 132 13.60 -12.63 4.94
C PRO B 132 13.74 -13.99 4.23
N LEU B 133 13.74 -15.08 4.97
CA LEU B 133 13.95 -16.44 4.47
C LEU B 133 12.82 -17.37 4.90
N GLY B 134 12.32 -17.23 6.14
CA GLY B 134 11.36 -18.19 6.67
C GLY B 134 10.06 -17.59 7.13
N SER B 135 9.46 -16.72 6.34
CA SER B 135 8.20 -16.09 6.70
C SER B 135 7.07 -17.04 6.56
N PHE B 136 5.98 -16.63 7.16
CA PHE B 136 4.72 -17.37 7.16
C PHE B 136 3.62 -16.37 6.87
N ALA B 137 2.57 -16.80 6.13
CA ALA B 137 1.41 -15.96 5.92
C ALA B 137 0.23 -16.55 6.71
N ALA B 138 -0.66 -15.70 7.21
CA ALA B 138 -1.85 -16.14 7.94
C ALA B 138 -3.09 -15.28 7.65
N TRP B 139 -4.24 -15.92 7.78
CA TRP B 139 -5.56 -15.31 7.55
C TRP B 139 -6.50 -15.72 8.70
N GLY B 140 -7.27 -14.80 9.23
CA GLY B 140 -8.22 -15.17 10.24
C GLY B 140 -7.98 -14.57 11.61
N ARG B 141 -8.60 -15.14 12.62
CA ARG B 141 -8.66 -14.54 13.96
C ARG B 141 -7.27 -14.24 14.57
N HIS B 142 -6.32 -15.16 14.48
CA HIS B 142 -5.02 -14.98 15.12
C HIS B 142 -3.91 -14.70 14.15
N ALA B 143 -4.25 -14.21 12.96
CA ALA B 143 -3.27 -13.96 11.91
C ALA B 143 -2.15 -13.01 12.38
N GLU B 144 -2.54 -11.96 13.07
CA GLU B 144 -1.62 -10.91 13.49
C GLU B 144 -0.76 -11.42 14.66
N GLU B 145 -1.36 -12.10 15.63
CA GLU B 145 -0.54 -12.55 16.77
C GLU B 145 0.43 -13.64 16.31
N ILE B 146 -0.01 -14.52 15.44
CA ILE B 146 0.85 -15.59 14.93
C ILE B 146 2.04 -15.05 14.14
N THR B 147 1.86 -13.96 13.37
CA THR B 147 2.89 -13.50 12.46
C THR B 147 3.74 -12.35 13.01
N VAL B 148 3.31 -11.72 14.09
CA VAL B 148 4.05 -10.57 14.64
C VAL B 148 5.35 -11.00 15.34
N ASN B 149 6.43 -10.25 15.09
CA ASN B 149 7.69 -10.34 15.85
C ASN B 149 8.37 -11.69 15.78
N GLN B 150 8.42 -12.24 14.57
CA GLN B 150 9.25 -13.39 14.29
C GLN B 150 10.71 -12.95 14.45
N SER B 151 11.51 -13.70 15.20
CA SER B 151 12.88 -13.26 15.44
C SER B 151 13.69 -13.60 14.21
N LEU B 152 14.78 -12.86 13.98
CA LEU B 152 15.60 -13.08 12.83
C LEU B 152 16.40 -14.39 12.98
N SER B 153 17.10 -14.53 14.10
CA SER B 153 17.79 -15.77 14.38
C SER B 153 16.80 -16.84 14.74
N MSE B 154 17.19 -18.09 14.54
CA MSE B 154 16.34 -19.23 14.85
C MSE B 154 14.95 -19.07 14.26
O MSE B 154 13.99 -19.05 14.99
CB MSE B 154 16.24 -19.41 16.34
CG MSE B 154 17.54 -19.62 17.02
SE MSE B 154 18.45 -21.17 16.31
CE MSE B 154 16.97 -22.47 16.26
N SER B 155 14.86 -18.95 12.96
CA SER B 155 13.63 -18.53 12.32
C SER B 155 12.40 -19.43 12.55
N LEU B 156 12.61 -20.73 12.74
CA LEU B 156 11.48 -21.68 13.02
C LEU B 156 11.46 -22.17 14.50
N GLY B 157 12.01 -21.39 15.39
CA GLY B 157 12.14 -21.80 16.80
C GLY B 157 11.11 -21.18 17.70
N GLU B 158 11.50 -20.87 18.93
CA GLU B 158 10.52 -20.55 19.99
C GLU B 158 9.90 -19.18 19.83
N GLU B 159 10.50 -18.35 18.98
CA GLU B 159 9.97 -17.07 18.69
C GLU B 159 9.41 -17.04 17.26
N SER B 160 8.94 -18.18 16.73
CA SER B 160 8.39 -18.22 15.37
C SER B 160 6.90 -18.46 15.35
N PRO B 161 6.27 -18.20 14.21
CA PRO B 161 4.91 -18.68 14.00
C PRO B 161 4.66 -20.12 14.43
N LEU B 162 5.63 -21.04 14.29
CA LEU B 162 5.44 -22.44 14.66
C LEU B 162 5.10 -22.64 16.13
N ARG B 163 5.72 -21.85 16.97
CA ARG B 163 5.49 -21.90 18.38
C ARG B 163 4.12 -21.32 18.74
N LYS B 164 3.72 -20.27 18.05
CA LYS B 164 2.44 -19.68 18.36
C LYS B 164 1.33 -20.60 17.94
N ILE B 165 1.53 -21.41 16.90
CA ILE B 165 0.52 -22.41 16.53
C ILE B 165 0.49 -23.43 17.62
N TYR B 166 1.67 -23.86 18.08
CA TYR B 166 1.77 -24.80 19.19
C TYR B 166 1.02 -24.29 20.40
N ASP B 167 1.20 -23.03 20.74
CA ASP B 167 0.52 -22.50 21.94
C ASP B 167 -0.98 -22.46 21.71
N LEU B 168 -1.42 -22.42 20.46
CA LEU B 168 -2.83 -22.37 20.19
C LEU B 168 -3.44 -23.77 20.00
N ASP B 169 -2.63 -24.80 20.23
CA ASP B 169 -3.00 -26.20 20.00
C ASP B 169 -3.60 -26.40 18.59
N GLY B 170 -2.91 -25.87 17.58
CA GLY B 170 -3.37 -25.93 16.16
C GLY B 170 -3.23 -27.27 15.49
N TYR B 171 -3.58 -27.29 14.22
CA TYR B 171 -3.56 -28.51 13.43
C TYR B 171 -2.67 -28.35 12.23
N ILE B 172 -2.20 -29.48 11.68
CA ILE B 172 -1.42 -29.50 10.49
C ILE B 172 -2.22 -30.30 9.43
N LEU B 173 -2.44 -29.67 8.28
CA LEU B 173 -3.12 -30.30 7.16
C LEU B 173 -2.13 -30.49 5.98
N LEU B 174 -1.89 -31.73 5.56
CA LEU B 174 -1.02 -32.02 4.42
C LEU B 174 -1.86 -32.52 3.25
N ILE B 175 -1.81 -31.84 2.13
CA ILE B 175 -2.64 -32.25 1.02
C ILE B 175 -1.73 -32.73 -0.07
N GLY B 176 -1.70 -34.05 -0.26
CA GLY B 176 -0.91 -34.69 -1.32
C GLY B 176 0.57 -34.54 -1.16
N VAL B 177 1.04 -34.24 0.05
CA VAL B 177 2.48 -34.12 0.29
C VAL B 177 2.83 -34.92 1.53
N GLY B 178 4.11 -35.21 1.67
CA GLY B 178 4.60 -36.02 2.76
C GLY B 178 5.24 -35.21 3.89
N TYR B 179 5.85 -35.94 4.82
CA TYR B 179 6.32 -35.31 6.05
C TYR B 179 7.55 -34.39 5.84
N ASP B 180 8.22 -34.56 4.71
CA ASP B 180 9.28 -33.64 4.37
C ASP B 180 8.84 -32.23 4.05
N SER B 181 7.55 -32.00 3.84
CA SER B 181 7.02 -30.65 3.80
C SER B 181 6.40 -30.19 5.14
N ASN B 182 6.50 -30.96 6.20
CA ASN B 182 5.84 -30.61 7.41
C ASN B 182 6.78 -29.69 8.18
N THR B 183 6.70 -28.41 7.92
CA THR B 183 7.59 -27.45 8.51
C THR B 183 7.59 -27.50 10.05
N SER B 184 6.42 -27.74 10.66
CA SER B 184 6.31 -27.84 12.11
C SER B 184 7.36 -28.74 12.79
N VAL B 185 7.80 -29.77 12.09
CA VAL B 185 8.73 -30.72 12.69
C VAL B 185 10.07 -30.05 12.98
N ALA B 186 10.39 -28.97 12.26
CA ALA B 186 11.54 -28.13 12.60
C ALA B 186 11.54 -27.66 14.04
N LEU B 187 10.37 -27.41 14.61
CA LEU B 187 10.28 -27.02 16.05
C LEU B 187 10.77 -28.15 16.93
N SER B 188 10.50 -29.40 16.57
CA SER B 188 11.05 -30.52 17.29
C SER B 188 12.57 -30.55 17.26
N GLU B 189 13.11 -30.25 16.09
CA GLU B 189 14.57 -30.20 15.90
C GLU B 189 15.19 -29.14 16.78
N VAL B 190 14.60 -27.95 16.78
CA VAL B 190 15.07 -26.88 17.67
C VAL B 190 15.02 -27.32 19.14
N ARG B 191 13.93 -27.93 19.55
CA ARG B 191 13.75 -28.33 20.95
C ARG B 191 14.58 -29.49 21.43
N SER B 192 15.19 -30.25 20.52
CA SER B 192 16.00 -31.38 20.90
C SER B 192 17.52 -31.13 20.76
N GLY B 193 17.92 -30.09 20.02
CA GLY B 193 19.37 -29.80 19.76
C GLY B 193 19.93 -30.60 18.59
N ALA B 194 19.02 -31.12 17.76
CA ALA B 194 19.34 -32.23 16.87
C ALA B 194 19.89 -31.82 15.50
N CYS B 195 20.03 -30.51 15.29
CA CYS B 195 20.76 -30.04 14.12
C CYS B 195 21.82 -29.02 14.57
N GLU B 196 22.77 -28.84 13.65
CA GLU B 196 23.85 -27.92 13.80
C GLU B 196 23.37 -26.49 13.65
N LEU B 197 24.08 -25.55 14.26
CA LEU B 197 23.82 -24.14 13.98
C LEU B 197 24.67 -23.70 12.81
N ILE B 198 24.12 -22.80 11.98
CA ILE B 198 24.91 -22.18 10.93
C ILE B 198 24.80 -20.67 10.97
N LYS B 199 25.83 -20.05 10.40
CA LYS B 199 25.88 -18.61 10.19
C LYS B 199 25.21 -18.33 8.82
N VAL B 200 24.09 -17.64 8.83
CA VAL B 200 23.39 -17.35 7.59
C VAL B 200 23.31 -15.84 7.41
N GLY B 201 22.83 -15.40 6.26
CA GLY B 201 22.57 -13.98 6.00
C GLY B 201 21.45 -13.70 4.99
N ALA B 202 20.95 -12.47 5.01
CA ALA B 202 19.86 -12.11 4.14
C ALA B 202 19.73 -10.60 4.06
N PRO B 203 19.19 -10.08 2.97
CA PRO B 203 18.97 -8.68 2.83
C PRO B 203 17.65 -8.28 3.42
N ILE B 204 17.68 -7.25 4.23
CA ILE B 204 16.48 -6.72 4.86
C ILE B 204 16.49 -5.22 4.79
N ILE B 205 15.34 -4.63 5.02
CA ILE B 205 15.30 -3.19 5.20
C ILE B 205 15.45 -2.88 6.69
N GLU B 206 16.53 -2.21 7.04
CA GLU B 206 16.82 -1.88 8.44
C GLU B 206 16.97 -0.38 8.59
N ASN B 207 16.15 0.21 9.46
CA ASN B 207 16.07 1.67 9.64
C ASN B 207 15.99 2.43 8.33
N GLY B 208 15.20 1.91 7.39
CA GLY B 208 15.00 2.51 6.06
C GLY B 208 16.07 2.19 5.01
N GLU B 209 17.05 1.39 5.40
CA GLU B 209 18.22 1.12 4.57
C GLU B 209 18.35 -0.38 4.27
N ARG B 210 18.63 -0.73 3.02
CA ARG B 210 18.92 -2.11 2.68
C ARG B 210 20.22 -2.51 3.34
N VAL B 211 20.22 -3.62 4.03
CA VAL B 211 21.45 -4.08 4.67
C VAL B 211 21.53 -5.55 4.45
N TRP B 212 22.74 -6.05 4.27
CA TRP B 212 22.97 -7.50 4.26
C TRP B 212 23.20 -7.93 5.69
N LYS B 213 22.18 -8.46 6.34
CA LYS B 213 22.21 -8.80 7.75
C LYS B 213 22.68 -10.23 7.96
N GLU B 214 23.49 -10.44 8.98
CA GLU B 214 23.94 -11.80 9.32
C GLU B 214 23.31 -12.25 10.58
N PHE B 215 23.06 -13.55 10.67
CA PHE B 215 22.41 -14.10 11.84
C PHE B 215 22.64 -15.59 11.90
N VAL B 216 21.94 -16.22 12.82
CA VAL B 216 22.22 -17.56 13.21
C VAL B 216 20.98 -18.38 13.07
N ASP B 217 21.09 -19.49 12.34
CA ASP B 217 20.00 -20.41 12.31
C ASP B 217 20.38 -21.88 12.44
N MSE B 218 19.34 -22.70 12.48
CA MSE B 218 19.54 -24.13 12.46
C MSE B 218 19.68 -24.59 11.03
O MSE B 218 19.03 -24.08 10.16
CB MSE B 218 18.36 -24.81 13.13
CG MSE B 218 18.57 -26.29 13.31
SE MSE B 218 18.15 -26.98 15.11
CE MSE B 218 19.62 -26.29 16.19
N ASP B 219 20.56 -25.55 10.79
CA ASP B 219 20.63 -26.21 9.50
C ASP B 219 19.52 -27.27 9.41
N TYR B 220 18.27 -26.84 9.28
CA TYR B 220 17.10 -27.76 9.34
C TYR B 220 17.19 -28.81 8.22
N ASP B 221 16.96 -30.06 8.59
CA ASP B 221 17.13 -31.19 7.67
C ASP B 221 15.81 -31.95 7.51
N SER B 222 15.10 -31.73 6.41
CA SER B 222 13.77 -32.34 6.25
C SER B 222 13.86 -33.84 5.94
N ASP B 223 15.06 -34.31 5.65
CA ASP B 223 15.25 -35.69 5.28
C ASP B 223 14.84 -36.62 6.39
N LYS B 224 15.20 -36.28 7.62
CA LYS B 224 14.76 -37.09 8.75
C LYS B 224 13.25 -37.02 9.00
N PHE B 225 12.54 -36.04 8.45
CA PHE B 225 11.15 -35.84 8.79
C PHE B 225 10.31 -37.00 8.31
N VAL B 226 10.69 -37.61 7.17
CA VAL B 226 9.99 -38.77 6.60
C VAL B 226 10.12 -39.94 7.55
N GLU B 227 11.29 -40.05 8.19
CA GLU B 227 11.54 -41.09 9.17
C GLU B 227 10.68 -40.89 10.42
N ILE B 228 10.65 -39.66 10.92
CA ILE B 228 9.72 -39.31 11.99
C ILE B 228 8.24 -39.59 11.57
N GLY B 229 7.88 -39.28 10.31
CA GLY B 229 6.51 -39.51 9.82
C GLY B 229 6.10 -40.96 9.78
N VAL B 230 6.96 -41.85 9.32
CA VAL B 230 6.64 -43.26 9.32
C VAL B 230 6.37 -43.71 10.74
N GLU B 231 7.25 -43.39 11.66
CA GLU B 231 7.08 -43.80 13.05
C GLU B 231 5.90 -43.12 13.72
N PHE B 232 5.62 -41.85 13.40
CA PHE B 232 4.48 -41.19 14.00
C PHE B 232 3.16 -41.86 13.58
N GLU B 233 3.10 -42.37 12.36
CA GLU B 233 1.91 -43.02 11.89
C GLU B 233 1.70 -44.41 12.46
N GLN B 234 2.74 -45.07 12.93
CA GLN B 234 2.57 -46.29 13.74
C GLN B 234 2.25 -46.04 15.23
N LYS B 235 2.42 -44.82 15.73
CA LYS B 235 2.29 -44.57 17.18
C LYS B 235 1.52 -43.36 17.61
N GLY B 236 1.21 -42.46 16.69
CA GLY B 236 0.55 -41.23 17.06
C GLY B 236 -0.82 -41.13 16.44
N THR B 237 -1.48 -40.04 16.78
CA THR B 237 -2.82 -39.74 16.33
C THR B 237 -2.76 -38.87 15.07
N VAL B 238 -3.22 -39.44 13.97
CA VAL B 238 -3.36 -38.73 12.71
C VAL B 238 -4.54 -39.29 11.93
N THR B 239 -5.28 -38.40 11.27
CA THR B 239 -6.39 -38.76 10.43
C THR B 239 -5.92 -38.77 8.98
N MSE B 240 -6.32 -39.80 8.24
CA MSE B 240 -5.97 -39.91 6.84
C MSE B 240 -7.19 -40.04 5.97
O MSE B 240 -8.07 -40.81 6.28
CB MSE B 240 -5.02 -41.07 6.63
CG MSE B 240 -3.69 -40.76 7.22
SE MSE B 240 -2.49 -42.27 7.28
CE MSE B 240 -3.30 -43.44 5.87
N GLY B 241 -7.24 -39.29 4.88
CA GLY B 241 -8.34 -39.37 3.92
C GLY B 241 -7.93 -38.75 2.61
N LYS B 242 -8.92 -38.36 1.82
CA LYS B 242 -8.69 -37.91 0.45
C LYS B 242 -9.38 -36.60 0.18
N ILE B 243 -8.67 -35.75 -0.57
CA ILE B 243 -9.27 -34.61 -1.26
C ILE B 243 -9.06 -34.87 -2.78
N GLY B 244 -10.10 -35.27 -3.51
CA GLY B 244 -9.88 -35.64 -4.93
C GLY B 244 -9.05 -36.91 -5.02
N ASN B 245 -7.99 -36.93 -5.81
CA ASN B 245 -7.13 -38.11 -5.83
C ASN B 245 -6.06 -38.07 -4.73
N ALA B 246 -6.03 -36.99 -3.95
CA ALA B 246 -4.93 -36.66 -3.05
C ALA B 246 -4.99 -37.42 -1.74
N LYS B 247 -3.89 -37.97 -1.31
CA LYS B 247 -3.82 -38.56 0.01
C LYS B 247 -3.47 -37.44 1.03
N CYS B 248 -4.32 -37.21 2.01
CA CYS B 248 -4.15 -36.08 2.95
C CYS B 248 -4.10 -36.48 4.42
N ARG B 249 -3.42 -35.68 5.23
CA ARG B 249 -3.31 -35.96 6.65
C ARG B 249 -3.66 -34.75 7.47
N LEU B 250 -4.39 -34.99 8.55
CA LEU B 250 -4.72 -33.96 9.52
C LEU B 250 -4.24 -34.46 10.87
N MSE B 251 -3.53 -33.61 11.59
CA MSE B 251 -2.99 -34.01 12.89
C MSE B 251 -2.84 -32.81 13.78
O MSE B 251 -2.81 -31.69 13.29
CB MSE B 251 -1.63 -34.66 12.70
CG MSE B 251 -0.56 -33.67 12.28
SE MSE B 251 0.99 -34.55 11.47
CE MSE B 251 0.13 -35.17 9.77
N LYS B 252 -2.78 -33.03 15.09
CA LYS B 252 -2.55 -31.93 16.00
C LYS B 252 -1.05 -31.57 15.96
N GLN B 253 -0.72 -30.30 15.88
CA GLN B 253 0.65 -29.87 15.82
C GLN B 253 1.44 -30.32 17.02
N ARG B 254 0.83 -30.28 18.22
CA ARG B 254 1.53 -30.65 19.42
C ARG B 254 1.86 -32.09 19.43
N ASP B 255 0.97 -32.90 18.88
CA ASP B 255 1.18 -34.34 18.87
C ASP B 255 2.42 -34.66 18.03
N ILE B 256 2.54 -34.11 16.83
CA ILE B 256 3.73 -34.39 16.02
C ILE B 256 4.99 -33.68 16.55
N VAL B 257 4.87 -32.45 16.97
CA VAL B 257 5.98 -31.72 17.57
C VAL B 257 6.59 -32.45 18.76
N ASP B 258 5.77 -32.92 19.69
CA ASP B 258 6.22 -33.58 20.90
C ASP B 258 6.81 -34.96 20.57
N PHE B 259 6.15 -35.68 19.63
CA PHE B 259 6.68 -36.93 19.19
C PHE B 259 8.04 -36.73 18.55
N GLY B 260 8.17 -35.65 17.78
CA GLY B 260 9.40 -35.41 17.06
C GLY B 260 10.53 -35.10 18.04
N THR B 261 10.21 -34.37 19.11
CA THR B 261 11.20 -33.95 20.11
C THR B 261 11.74 -35.19 20.80
N GLU B 262 10.85 -36.05 21.28
CA GLU B 262 11.21 -37.34 21.83
C GLU B 262 12.01 -38.22 20.88
N TRP B 263 11.70 -38.18 19.60
CA TRP B 263 12.37 -39.07 18.66
C TRP B 263 13.86 -38.67 18.49
N PHE B 264 14.07 -37.36 18.37
CA PHE B 264 15.41 -36.81 18.26
C PHE B 264 16.34 -37.15 19.40
N ARG B 265 15.79 -37.40 20.58
CA ARG B 265 16.57 -37.87 21.72
C ARG B 265 16.04 -39.14 22.44
N LYS B 266 16.17 -40.36 21.91
CA LYS B 266 16.82 -40.69 20.66
C LYS B 266 16.53 -42.15 20.25
N ALA C 3 17.67 -27.18 -15.85
CA ALA C 3 16.63 -26.09 -15.68
C ALA C 3 17.37 -24.83 -15.18
N MSE C 4 17.16 -24.48 -13.92
CA MSE C 4 18.08 -23.55 -13.24
C MSE C 4 19.55 -23.88 -13.54
O MSE C 4 20.34 -23.02 -13.87
CB MSE C 4 17.79 -23.55 -11.74
CG MSE C 4 16.53 -22.77 -11.44
SE MSE C 4 16.58 -20.91 -12.19
CE MSE C 4 18.47 -20.57 -11.95
N ASN C 5 19.89 -25.15 -13.49
CA ASN C 5 21.21 -25.59 -13.83
C ASN C 5 21.79 -25.01 -15.14
N ASP C 6 20.99 -25.01 -16.20
CA ASP C 6 21.43 -24.44 -17.51
C ASP C 6 21.33 -22.93 -17.57
N ILE C 7 20.40 -22.37 -16.81
CA ILE C 7 20.33 -20.90 -16.71
C ILE C 7 21.65 -20.35 -16.07
N VAL C 8 22.10 -20.94 -14.97
CA VAL C 8 23.39 -20.52 -14.31
C VAL C 8 24.59 -20.68 -15.28
N ALA C 9 24.72 -21.89 -15.82
CA ALA C 9 25.75 -22.25 -16.80
C ALA C 9 25.82 -21.23 -17.94
N SER C 10 24.67 -20.80 -18.42
CA SER C 10 24.61 -19.90 -19.57
C SER C 10 24.93 -18.44 -19.24
N THR C 11 25.24 -18.17 -17.97
CA THR C 11 25.45 -16.82 -17.50
C THR C 11 26.89 -16.62 -17.10
N GLN C 12 27.47 -15.50 -17.49
CA GLN C 12 28.83 -15.25 -17.14
C GLN C 12 28.96 -14.62 -15.72
N LEU C 13 28.22 -13.53 -15.57
CA LEU C 13 28.05 -12.85 -14.33
C LEU C 13 26.57 -12.58 -14.08
N PRO C 14 26.22 -12.47 -12.80
CA PRO C 14 24.83 -12.34 -12.44
C PRO C 14 24.26 -11.06 -13.01
N ASN C 15 23.02 -11.12 -13.47
CA ASN C 15 22.28 -9.94 -13.82
C ASN C 15 21.69 -9.40 -12.52
N THR C 16 21.71 -8.10 -12.34
CA THR C 16 21.16 -7.48 -11.19
C THR C 16 20.20 -6.38 -11.63
N ILE C 17 19.54 -5.77 -10.65
CA ILE C 17 18.70 -4.62 -10.93
C ILE C 17 19.52 -3.59 -11.66
N LYS C 18 20.71 -3.33 -11.15
CA LYS C 18 21.65 -2.49 -11.82
C LYS C 18 22.03 -2.88 -13.28
N THR C 19 22.44 -4.11 -13.57
CA THR C 19 22.82 -4.42 -14.95
C THR C 19 21.58 -4.37 -15.86
N ILE C 20 20.43 -4.75 -15.35
CA ILE C 20 19.22 -4.71 -16.12
C ILE C 20 18.81 -3.28 -16.47
N THR C 21 18.95 -2.37 -15.49
CA THR C 21 18.65 -0.98 -15.71
C THR C 21 19.52 -0.41 -16.81
N ASN C 22 20.82 -0.69 -16.76
CA ASN C 22 21.73 -0.30 -17.80
C ASN C 22 21.36 -0.85 -19.19
N ASP C 23 21.12 -2.16 -19.29
CA ASP C 23 20.63 -2.80 -20.55
C ASP C 23 19.36 -2.15 -21.08
N LEU C 24 18.44 -1.82 -20.20
CA LEU C 24 17.20 -1.17 -20.60
C LEU C 24 17.44 0.19 -21.23
N ARG C 25 18.32 0.99 -20.61
CA ARG C 25 18.62 2.31 -21.15
C ARG C 25 19.43 2.26 -22.45
N LYS C 26 20.33 1.29 -22.56
CA LYS C 26 21.06 1.13 -23.79
C LYS C 26 20.12 0.87 -24.97
N LEU C 27 19.02 0.17 -24.68
CA LEU C 27 18.04 -0.23 -25.66
C LEU C 27 17.20 0.96 -26.04
N GLY C 28 17.14 1.95 -25.14
CA GLY C 28 16.45 3.20 -25.35
C GLY C 28 15.18 3.42 -24.53
N LEU C 29 14.92 2.58 -23.54
CA LEU C 29 13.90 2.90 -22.54
C LEU C 29 14.34 4.17 -21.79
N LYS C 30 13.42 5.11 -21.55
CA LYS C 30 13.69 6.42 -20.94
C LYS C 30 12.64 6.77 -19.90
N LYS C 31 13.01 7.66 -19.01
CA LYS C 31 12.10 8.18 -17.97
C LYS C 31 10.86 8.74 -18.65
N GLY C 32 9.67 8.55 -18.09
CA GLY C 32 8.44 9.17 -18.62
C GLY C 32 7.72 8.41 -19.73
N MSE C 33 8.34 7.39 -20.27
CA MSE C 33 7.78 6.72 -21.43
C MSE C 33 6.57 5.84 -21.00
O MSE C 33 6.51 5.40 -19.84
CB MSE C 33 8.94 5.93 -22.08
CG MSE C 33 8.64 4.93 -23.16
SE MSE C 33 10.36 4.11 -23.85
CE MSE C 33 11.12 5.67 -24.72
N THR C 34 5.63 5.63 -21.91
CA THR C 34 4.56 4.65 -21.76
C THR C 34 4.96 3.36 -22.46
N VAL C 35 5.01 2.25 -21.76
CA VAL C 35 5.47 1.03 -22.40
C VAL C 35 4.71 -0.20 -21.96
N ILE C 36 4.33 -1.04 -22.94
CA ILE C 36 3.82 -2.37 -22.67
C ILE C 36 4.89 -3.44 -22.83
N VAL C 37 5.03 -4.30 -21.82
CA VAL C 37 6.14 -5.25 -21.71
C VAL C 37 5.72 -6.71 -21.80
N HIS C 38 6.40 -7.49 -22.66
CA HIS C 38 6.19 -8.93 -22.78
C HIS C 38 7.54 -9.60 -22.53
N SER C 39 7.57 -10.64 -21.72
CA SER C 39 8.85 -11.21 -21.33
C SER C 39 8.92 -12.69 -21.03
N SER C 40 10.12 -13.21 -21.17
CA SER C 40 10.51 -14.48 -20.68
C SER C 40 11.65 -14.27 -19.67
N LEU C 41 11.41 -14.63 -18.43
CA LEU C 41 12.47 -14.47 -17.42
C LEU C 41 13.72 -15.30 -17.74
N SER C 42 13.49 -16.54 -18.15
CA SER C 42 14.62 -17.45 -18.33
C SER C 42 15.52 -17.02 -19.45
N SER C 43 14.96 -16.30 -20.44
CA SER C 43 15.75 -15.86 -21.60
C SER C 43 16.92 -14.94 -21.18
N ILE C 44 16.74 -14.21 -20.07
CA ILE C 44 17.75 -13.29 -19.62
C ILE C 44 19.02 -13.98 -19.15
N GLY C 45 18.93 -15.20 -18.63
CA GLY C 45 20.06 -15.77 -17.85
C GLY C 45 19.87 -15.53 -16.34
N TRP C 46 20.82 -15.89 -15.50
CA TRP C 46 20.57 -15.94 -14.06
C TRP C 46 20.43 -14.56 -13.47
N ILE C 47 19.33 -14.31 -12.80
CA ILE C 47 19.09 -12.98 -12.21
C ILE C 47 19.04 -12.97 -10.68
N SER C 48 19.84 -12.11 -10.08
CA SER C 48 19.82 -11.99 -8.64
C SER C 48 18.61 -11.23 -8.21
N GLY C 49 17.66 -11.97 -7.64
CA GLY C 49 16.32 -11.46 -7.28
C GLY C 49 15.19 -11.81 -8.24
N GLY C 50 15.50 -12.54 -9.30
CA GLY C 50 14.48 -13.07 -10.24
C GLY C 50 13.53 -12.02 -10.80
N ALA C 51 12.26 -12.36 -10.77
CA ALA C 51 11.18 -11.51 -11.29
C ALA C 51 11.12 -10.15 -10.60
N VAL C 52 11.34 -10.10 -9.30
CA VAL C 52 11.37 -8.80 -8.59
C VAL C 52 12.41 -7.86 -9.14
N ALA C 53 13.58 -8.39 -9.47
CA ALA C 53 14.63 -7.58 -10.08
C ALA C 53 14.22 -6.90 -11.37
N VAL C 54 13.55 -7.63 -12.25
CA VAL C 54 13.20 -7.13 -13.55
C VAL C 54 12.15 -6.08 -13.40
N VAL C 55 11.16 -6.33 -12.55
CA VAL C 55 10.13 -5.36 -12.30
C VAL C 55 10.71 -4.09 -11.69
N GLU C 56 11.62 -4.20 -10.74
CA GLU C 56 12.19 -2.98 -10.10
C GLU C 56 13.08 -2.21 -11.09
N ALA C 57 13.81 -2.94 -11.94
CA ALA C 57 14.61 -2.32 -13.02
C ALA C 57 13.77 -1.50 -13.96
N LEU C 58 12.66 -2.06 -14.39
CA LEU C 58 11.69 -1.34 -15.23
C LEU C 58 11.18 -0.11 -14.53
N MSE C 59 10.78 -0.23 -13.26
CA MSE C 59 10.26 0.93 -12.51
C MSE C 59 11.28 2.05 -12.31
O MSE C 59 10.96 3.22 -12.43
CB MSE C 59 9.73 0.49 -11.16
CG MSE C 59 8.45 -0.26 -11.31
SE MSE C 59 7.86 -1.04 -9.64
CE MSE C 59 6.12 -1.86 -10.21
N GLU C 60 12.51 1.64 -12.02
CA GLU C 60 13.64 2.55 -11.96
C GLU C 60 13.86 3.35 -13.25
N VAL C 61 13.89 2.68 -14.39
CA VAL C 61 14.09 3.39 -15.65
C VAL C 61 12.88 4.26 -16.08
N ILE C 62 11.68 3.67 -16.10
CA ILE C 62 10.46 4.40 -16.53
C ILE C 62 9.99 5.50 -15.56
N THR C 63 10.05 5.19 -14.27
CA THR C 63 9.61 6.07 -13.19
C THR C 63 8.12 6.27 -13.20
N GLU C 64 7.66 6.80 -12.08
CA GLU C 64 6.29 7.09 -11.80
C GLU C 64 5.69 8.11 -12.74
N GLU C 65 6.56 8.86 -13.40
CA GLU C 65 6.14 9.82 -14.39
C GLU C 65 5.88 9.16 -15.73
N GLY C 66 6.17 7.88 -15.88
CA GLY C 66 5.82 7.12 -17.10
C GLY C 66 4.87 6.04 -16.68
N THR C 67 4.65 5.07 -17.56
CA THR C 67 3.70 4.01 -17.29
C THR C 67 4.13 2.68 -17.88
N ILE C 68 4.02 1.63 -17.07
CA ILE C 68 4.34 0.30 -17.50
C ILE C 68 3.01 -0.47 -17.52
N ILE C 69 2.76 -1.23 -18.61
CA ILE C 69 1.57 -2.03 -18.74
C ILE C 69 1.99 -3.44 -19.05
N MSE C 70 1.25 -4.42 -18.56
CA MSE C 70 1.53 -5.80 -18.99
C MSE C 70 0.26 -6.55 -19.13
O MSE C 70 -0.71 -6.26 -18.46
CB MSE C 70 2.40 -6.53 -17.97
CG MSE C 70 3.70 -5.89 -17.70
SE MSE C 70 4.90 -7.11 -16.63
CE MSE C 70 6.34 -5.73 -16.24
N PRO C 71 0.20 -7.47 -20.09
CA PRO C 71 -1.05 -8.25 -20.19
C PRO C 71 -1.21 -9.19 -19.01
N THR C 72 -2.46 -9.31 -18.52
CA THR C 72 -2.77 -10.22 -17.41
C THR C 72 -3.91 -11.14 -17.69
N GLN C 73 -3.77 -11.86 -18.80
CA GLN C 73 -4.79 -12.82 -19.28
C GLN C 73 -4.99 -14.03 -18.45
N SER C 74 -6.27 -14.39 -18.26
CA SER C 74 -6.69 -15.50 -17.48
C SER C 74 -7.69 -16.39 -18.25
N SER C 75 -7.24 -16.98 -19.35
CA SER C 75 -8.09 -17.81 -20.20
C SER C 75 -8.67 -19.11 -19.58
N ASP C 76 -8.29 -19.51 -18.37
CA ASP C 76 -8.90 -20.70 -17.79
C ASP C 76 -10.23 -20.38 -17.16
N LEU C 77 -10.65 -19.14 -17.27
CA LEU C 77 -11.97 -18.78 -16.86
C LEU C 77 -12.95 -18.88 -18.05
N SER C 78 -12.45 -19.13 -19.24
CA SER C 78 -13.36 -19.18 -20.41
C SER C 78 -14.20 -20.45 -20.47
N ASP C 79 -15.14 -20.44 -21.40
CA ASP C 79 -16.05 -21.56 -21.59
C ASP C 79 -15.26 -22.79 -22.05
N PRO C 80 -15.47 -23.92 -21.39
CA PRO C 80 -14.61 -25.00 -21.70
C PRO C 80 -14.89 -25.70 -23.05
N LYS C 81 -16.01 -25.42 -23.67
CA LYS C 81 -16.25 -25.93 -24.99
C LYS C 81 -15.10 -25.64 -25.96
N HIS C 82 -14.49 -24.46 -25.82
CA HIS C 82 -13.39 -24.11 -26.71
C HIS C 82 -12.00 -24.46 -26.18
N TRP C 83 -11.86 -25.19 -25.07
CA TRP C 83 -10.49 -25.41 -24.57
C TRP C 83 -9.69 -26.38 -25.43
N SER C 84 -8.41 -26.08 -25.61
CA SER C 84 -7.46 -26.99 -26.29
C SER C 84 -6.17 -27.34 -25.48
N ARG C 85 -5.90 -26.64 -24.38
CA ARG C 85 -4.62 -26.82 -23.62
C ARG C 85 -4.78 -27.03 -22.15
N PRO C 86 -5.30 -28.20 -21.75
CA PRO C 86 -5.82 -29.24 -22.58
C PRO C 86 -7.33 -29.07 -22.62
N PRO C 87 -7.98 -29.86 -23.45
CA PRO C 87 -9.42 -29.90 -23.39
C PRO C 87 -9.84 -30.81 -22.25
N VAL C 88 -11.10 -30.73 -21.88
CA VAL C 88 -11.70 -31.59 -20.88
C VAL C 88 -12.99 -32.30 -21.45
N PRO C 89 -13.31 -33.47 -20.92
CA PRO C 89 -14.53 -34.13 -21.27
C PRO C 89 -15.74 -33.21 -21.29
N GLU C 90 -16.62 -33.44 -22.27
CA GLU C 90 -17.75 -32.60 -22.51
C GLU C 90 -18.72 -32.65 -21.34
N GLU C 91 -18.78 -33.78 -20.68
CA GLU C 91 -19.63 -33.89 -19.49
C GLU C 91 -19.18 -33.02 -18.28
N TRP C 92 -18.00 -32.44 -18.33
CA TRP C 92 -17.57 -31.50 -17.30
C TRP C 92 -18.06 -30.09 -17.59
N TRP C 93 -18.40 -29.81 -18.86
CA TRP C 93 -18.49 -28.41 -19.28
C TRP C 93 -19.52 -27.59 -18.51
N GLN C 94 -20.68 -28.17 -18.21
CA GLN C 94 -21.70 -27.44 -17.45
C GLN C 94 -21.35 -27.33 -15.96
N ILE C 95 -20.71 -28.36 -15.44
CA ILE C 95 -20.25 -28.31 -14.06
C ILE C 95 -19.29 -27.13 -13.93
N ILE C 96 -18.42 -26.95 -14.90
CA ILE C 96 -17.44 -25.88 -14.88
C ILE C 96 -18.11 -24.53 -14.95
N ARG C 97 -19.03 -24.34 -15.93
CA ARG C 97 -19.78 -23.11 -16.02
C ARG C 97 -20.47 -22.79 -14.71
N ASP C 98 -20.95 -23.79 -14.02
CA ASP C 98 -21.66 -23.56 -12.78
C ASP C 98 -20.75 -23.28 -11.51
N ASN C 99 -19.51 -23.75 -11.50
CA ASN C 99 -18.61 -23.74 -10.32
C ASN C 99 -17.32 -22.98 -10.41
N VAL C 100 -16.84 -22.66 -11.62
CA VAL C 100 -15.64 -21.84 -11.73
C VAL C 100 -15.80 -20.50 -11.02
N PRO C 101 -14.87 -20.18 -10.10
CA PRO C 101 -14.95 -18.90 -9.35
C PRO C 101 -14.87 -17.69 -10.29
N ALA C 102 -15.65 -16.65 -9.98
CA ALA C 102 -15.67 -15.45 -10.78
C ALA C 102 -14.31 -14.71 -10.81
N PHE C 103 -14.07 -14.01 -11.91
CA PHE C 103 -12.93 -13.13 -12.01
C PHE C 103 -12.90 -12.08 -10.90
N GLU C 104 -11.72 -11.92 -10.29
CA GLU C 104 -11.49 -10.87 -9.29
C GLU C 104 -10.09 -10.38 -9.53
N PRO C 105 -9.96 -9.14 -10.01
CA PRO C 105 -8.72 -8.54 -10.48
C PRO C 105 -7.54 -8.66 -9.52
N HIS C 106 -7.82 -8.58 -8.22
CA HIS C 106 -6.81 -8.67 -7.22
C HIS C 106 -6.44 -10.10 -6.88
N ILE C 107 -7.21 -11.11 -7.33
CA ILE C 107 -6.93 -12.54 -7.02
C ILE C 107 -6.64 -13.47 -8.23
N THR C 108 -7.30 -13.24 -9.35
CA THR C 108 -7.24 -14.23 -10.42
C THR C 108 -5.89 -14.31 -11.10
N PRO C 109 -5.28 -15.49 -11.04
CA PRO C 109 -3.96 -15.64 -11.63
C PRO C 109 -3.99 -15.63 -13.12
N THR C 110 -2.83 -15.33 -13.67
CA THR C 110 -2.71 -15.31 -15.10
C THR C 110 -2.40 -16.70 -15.59
N ARG C 111 -2.52 -16.89 -16.89
CA ARG C 111 -2.09 -18.10 -17.55
C ARG C 111 -1.23 -17.76 -18.74
N ALA C 112 -0.06 -18.35 -18.80
CA ALA C 112 0.88 -18.13 -19.89
C ALA C 112 1.41 -16.72 -20.02
N MSE C 113 1.37 -15.90 -18.97
CA MSE C 113 1.91 -14.54 -19.07
C MSE C 113 3.37 -14.43 -18.53
O MSE C 113 4.06 -13.51 -18.86
CB MSE C 113 1.01 -13.60 -18.28
CG MSE C 113 -0.44 -13.52 -18.79
SE MSE C 113 -0.56 -12.80 -20.60
CE MSE C 113 -0.61 -14.53 -21.64
N GLY C 114 3.79 -15.34 -17.66
CA GLY C 114 5.16 -15.41 -17.15
C GLY C 114 5.29 -14.95 -15.71
N LYS C 115 6.37 -15.38 -15.07
CA LYS C 115 6.66 -14.98 -13.75
C LYS C 115 6.74 -13.44 -13.56
N VAL C 116 7.21 -12.69 -14.55
CA VAL C 116 7.35 -11.25 -14.36
C VAL C 116 6.02 -10.57 -14.20
N VAL C 117 5.02 -11.05 -14.94
CA VAL C 117 3.66 -10.57 -14.86
C VAL C 117 3.01 -10.98 -13.55
N GLU C 118 3.25 -12.19 -13.08
CA GLU C 118 2.71 -12.58 -11.78
C GLU C 118 3.26 -11.69 -10.68
N CYS C 119 4.56 -11.39 -10.68
CA CYS C 119 5.11 -10.43 -9.71
C CYS C 119 4.52 -9.02 -9.89
N PHE C 120 4.48 -8.52 -11.12
CA PHE C 120 4.00 -7.17 -11.37
C PHE C 120 2.56 -6.93 -10.91
N ARG C 121 1.65 -7.85 -11.22
CA ARG C 121 0.23 -7.61 -10.92
C ARG C 121 -0.10 -7.48 -9.46
N THR C 122 0.74 -7.99 -8.55
CA THR C 122 0.43 -7.91 -7.13
C THR C 122 1.32 -6.94 -6.39
N TYR C 123 2.17 -6.25 -7.13
CA TYR C 123 3.06 -5.28 -6.62
C TYR C 123 2.23 -4.08 -6.17
N PRO C 124 2.57 -3.48 -5.02
CA PRO C 124 1.78 -2.32 -4.51
C PRO C 124 1.60 -1.22 -5.56
N ASN C 125 0.40 -0.66 -5.62
CA ASN C 125 0.06 0.39 -6.58
C ASN C 125 -0.01 -0.02 -8.07
N VAL C 126 0.11 -1.31 -8.37
CA VAL C 126 -0.24 -1.79 -9.71
C VAL C 126 -1.75 -1.99 -9.80
N VAL C 127 -2.42 -1.39 -10.79
CA VAL C 127 -3.86 -1.59 -10.98
C VAL C 127 -4.19 -2.52 -12.18
N ARG C 128 -5.21 -3.33 -12.05
CA ARG C 128 -5.58 -4.26 -13.10
C ARG C 128 -7.01 -3.99 -13.54
N SER C 129 -7.25 -4.12 -14.84
CA SER C 129 -8.57 -3.88 -15.48
C SER C 129 -9.48 -5.03 -15.17
N ASN C 130 -10.77 -4.89 -15.48
N ASN C 130 -10.76 -4.87 -15.53
CA ASN C 130 -11.79 -5.78 -14.92
CA ASN C 130 -11.85 -5.68 -15.01
C ASN C 130 -12.17 -6.98 -15.82
C ASN C 130 -12.40 -6.72 -16.00
N HIS C 131 -11.63 -7.03 -17.04
CA HIS C 131 -12.01 -8.07 -17.97
C HIS C 131 -11.62 -9.48 -17.54
N PRO C 132 -12.59 -10.38 -17.53
CA PRO C 132 -12.41 -11.72 -17.01
C PRO C 132 -11.48 -12.59 -17.81
N LEU C 133 -11.10 -12.21 -19.02
CA LEU C 133 -10.21 -13.06 -19.80
C LEU C 133 -9.01 -12.32 -20.34
N GLY C 134 -9.18 -11.08 -20.76
CA GLY C 134 -8.13 -10.30 -21.42
C GLY C 134 -7.78 -8.96 -20.71
N SER C 135 -7.71 -8.99 -19.38
CA SER C 135 -7.29 -7.84 -18.59
C SER C 135 -5.80 -7.54 -18.80
N PHE C 136 -5.40 -6.34 -18.37
CA PHE C 136 -4.09 -5.83 -18.42
C PHE C 136 -3.84 -5.18 -17.06
N ALA C 137 -2.59 -5.19 -16.60
CA ALA C 137 -2.20 -4.42 -15.43
C ALA C 137 -1.33 -3.27 -15.83
N ALA C 138 -1.39 -2.19 -15.03
CA ALA C 138 -0.57 -1.01 -15.24
C ALA C 138 -0.07 -0.39 -13.94
N TRP C 139 0.95 0.46 -14.07
CA TRP C 139 1.56 1.16 -12.96
C TRP C 139 2.06 2.46 -13.52
N GLY C 140 1.95 3.53 -12.74
CA GLY C 140 2.49 4.81 -13.11
C GLY C 140 1.47 5.86 -13.47
N ARG C 141 1.90 6.86 -14.21
CA ARG C 141 1.11 8.08 -14.38
C ARG C 141 -0.27 7.86 -15.03
N HIS C 142 -0.34 6.97 -16.00
CA HIS C 142 -1.60 6.73 -16.73
C HIS C 142 -2.22 5.38 -16.42
N ALA C 143 -1.73 4.70 -15.38
CA ALA C 143 -2.24 3.36 -15.05
C ALA C 143 -3.79 3.33 -15.01
N GLU C 144 -4.40 4.30 -14.31
CA GLU C 144 -5.84 4.29 -14.13
C GLU C 144 -6.58 4.58 -15.43
N GLU C 145 -6.14 5.61 -16.15
CA GLU C 145 -6.71 5.89 -17.49
C GLU C 145 -6.76 4.59 -18.30
N ILE C 146 -5.62 3.93 -18.42
CA ILE C 146 -5.49 2.79 -19.31
C ILE C 146 -6.37 1.61 -18.93
N THR C 147 -6.60 1.40 -17.62
CA THR C 147 -7.20 0.16 -17.15
C THR C 147 -8.66 0.28 -16.75
N VAL C 148 -9.22 1.47 -16.76
CA VAL C 148 -10.64 1.62 -16.44
C VAL C 148 -11.45 1.37 -17.67
N ASN C 149 -12.62 0.75 -17.50
CA ASN C 149 -13.69 0.81 -18.54
C ASN C 149 -13.43 -0.08 -19.76
N GLN C 150 -12.60 -1.11 -19.59
CA GLN C 150 -12.40 -2.11 -20.64
C GLN C 150 -13.77 -2.72 -20.96
N SER C 151 -14.19 -2.78 -22.22
CA SER C 151 -15.53 -3.35 -22.52
C SER C 151 -15.48 -4.88 -22.46
N LEU C 152 -16.61 -5.52 -22.15
CA LEU C 152 -16.67 -6.98 -22.10
C LEU C 152 -16.48 -7.62 -23.50
N SER C 153 -17.20 -7.11 -24.48
CA SER C 153 -17.01 -7.57 -25.86
C SER C 153 -15.85 -6.87 -26.49
N MSE C 154 -15.14 -7.57 -27.36
CA MSE C 154 -13.98 -7.04 -28.07
C MSE C 154 -12.90 -6.57 -27.06
O MSE C 154 -12.55 -5.39 -26.98
CB MSE C 154 -14.37 -5.93 -29.04
CG MSE C 154 -15.53 -6.29 -30.04
SE MSE C 154 -15.06 -7.88 -31.17
CE MSE C 154 -13.36 -7.15 -31.89
N SER C 155 -12.41 -7.53 -26.31
CA SER C 155 -11.50 -7.29 -25.21
C SER C 155 -10.26 -6.49 -25.64
N LEU C 156 -9.75 -6.77 -26.86
CA LEU C 156 -8.56 -6.14 -27.38
C LEU C 156 -8.86 -5.12 -28.41
N GLY C 157 -10.03 -4.50 -28.33
CA GLY C 157 -10.53 -3.56 -29.34
C GLY C 157 -10.36 -2.07 -29.04
N GLU C 158 -11.27 -1.30 -29.58
CA GLU C 158 -11.20 0.14 -29.48
C GLU C 158 -11.46 0.64 -28.11
N GLU C 159 -12.08 -0.15 -27.26
CA GLU C 159 -12.30 0.28 -25.88
C GLU C 159 -11.45 -0.55 -24.90
N SER C 160 -10.23 -0.85 -25.27
CA SER C 160 -9.35 -1.64 -24.43
C SER C 160 -8.10 -0.83 -24.10
N PRO C 161 -7.27 -1.32 -23.20
CA PRO C 161 -5.92 -0.74 -22.96
C PRO C 161 -5.07 -0.58 -24.21
N LEU C 162 -5.16 -1.49 -25.17
CA LEU C 162 -4.30 -1.35 -26.36
C LEU C 162 -4.59 -0.07 -27.10
N ARG C 163 -5.86 0.33 -27.19
CA ARG C 163 -6.26 1.59 -27.81
C ARG C 163 -5.76 2.82 -27.01
N LYS C 164 -5.77 2.71 -25.69
CA LYS C 164 -5.31 3.81 -24.86
C LYS C 164 -3.82 3.99 -24.95
N ILE C 165 -3.09 2.92 -25.21
CA ILE C 165 -1.65 3.05 -25.39
C ILE C 165 -1.35 3.64 -26.72
N TYR C 166 -2.11 3.22 -27.72
CA TYR C 166 -2.06 3.85 -29.05
C TYR C 166 -2.26 5.37 -29.00
N ASP C 167 -3.24 5.84 -28.26
CA ASP C 167 -3.50 7.29 -28.19
C ASP C 167 -2.42 8.03 -27.44
N LEU C 168 -1.81 7.41 -26.45
CA LEU C 168 -0.64 7.99 -25.77
C LEU C 168 0.64 7.81 -26.57
N ASP C 169 0.56 7.17 -27.75
CA ASP C 169 1.73 7.00 -28.62
C ASP C 169 2.84 6.24 -27.90
N GLY C 170 2.47 5.17 -27.21
CA GLY C 170 3.41 4.34 -26.49
C GLY C 170 4.31 3.38 -27.22
N TYR C 171 5.12 2.65 -26.44
CA TYR C 171 6.08 1.70 -26.94
C TYR C 171 5.74 0.26 -26.55
N ILE C 172 6.32 -0.67 -27.28
CA ILE C 172 6.23 -2.08 -27.00
C ILE C 172 7.64 -2.58 -26.74
N LEU C 173 7.83 -3.30 -25.64
CA LEU C 173 9.11 -3.95 -25.32
C LEU C 173 8.94 -5.44 -25.25
N LEU C 174 9.71 -6.16 -26.04
CA LEU C 174 9.71 -7.62 -26.02
C LEU C 174 11.02 -8.06 -25.39
N ILE C 175 10.97 -8.88 -24.36
CA ILE C 175 12.17 -9.36 -23.70
C ILE C 175 12.29 -10.87 -23.90
N GLY C 176 13.16 -11.29 -24.79
CA GLY C 176 13.40 -12.68 -24.97
C GLY C 176 12.21 -13.42 -25.57
N VAL C 177 11.26 -12.69 -26.18
CA VAL C 177 10.08 -13.29 -26.81
C VAL C 177 9.87 -12.70 -28.23
N GLY C 178 9.16 -13.42 -29.09
CA GLY C 178 8.90 -12.94 -30.43
C GLY C 178 7.58 -12.22 -30.60
N TYR C 179 7.27 -11.94 -31.86
CA TYR C 179 6.08 -11.17 -32.21
C TYR C 179 4.78 -11.91 -31.94
N ASP C 180 4.83 -13.22 -31.78
CA ASP C 180 3.65 -13.96 -31.36
C ASP C 180 3.20 -13.60 -29.96
N SER C 181 4.07 -12.97 -29.14
CA SER C 181 3.65 -12.51 -27.83
C SER C 181 3.19 -11.06 -27.89
N ASN C 182 3.25 -10.46 -29.07
CA ASN C 182 3.00 -9.03 -29.21
C ASN C 182 1.53 -8.67 -29.25
N THR C 183 0.92 -8.59 -28.06
CA THR C 183 -0.51 -8.36 -27.90
C THR C 183 -1.09 -7.18 -28.75
N SER C 184 -0.38 -6.07 -28.87
CA SER C 184 -0.89 -4.93 -29.63
C SER C 184 -1.26 -5.20 -31.12
N VAL C 185 -0.63 -6.17 -31.79
CA VAL C 185 -1.02 -6.46 -33.20
C VAL C 185 -2.46 -6.96 -33.28
N ALA C 186 -3.01 -7.44 -32.18
CA ALA C 186 -4.42 -7.70 -32.06
C ALA C 186 -5.28 -6.50 -32.40
N LEU C 187 -4.87 -5.31 -32.01
CA LEU C 187 -5.63 -4.12 -32.36
C LEU C 187 -5.71 -3.99 -33.90
N SER C 188 -4.69 -4.46 -34.60
CA SER C 188 -4.68 -4.50 -36.07
C SER C 188 -5.69 -5.46 -36.66
N GLU C 189 -5.79 -6.67 -36.11
CA GLU C 189 -6.79 -7.61 -36.58
C GLU C 189 -8.16 -6.96 -36.43
N VAL C 190 -8.39 -6.33 -35.29
CA VAL C 190 -9.69 -5.74 -35.02
C VAL C 190 -10.00 -4.66 -36.03
N ARG C 191 -9.05 -3.77 -36.22
CA ARG C 191 -9.24 -2.64 -37.12
C ARG C 191 -9.43 -3.04 -38.57
N SER C 192 -8.85 -4.14 -38.99
CA SER C 192 -8.98 -4.55 -40.35
C SER C 192 -10.16 -5.53 -40.55
N GLY C 193 -10.85 -5.90 -39.48
CA GLY C 193 -11.87 -6.94 -39.53
C GLY C 193 -11.30 -8.29 -39.93
N ALA C 194 -10.05 -8.56 -39.54
CA ALA C 194 -9.29 -9.73 -40.03
C ALA C 194 -9.63 -11.11 -39.45
N CYS C 195 -10.14 -11.22 -38.23
CA CYS C 195 -10.41 -12.55 -37.69
C CYS C 195 -11.89 -12.80 -37.48
N GLU C 196 -12.25 -14.07 -37.36
CA GLU C 196 -13.60 -14.50 -37.06
C GLU C 196 -14.10 -14.00 -35.73
N LEU C 197 -15.41 -13.99 -35.54
CA LEU C 197 -16.04 -13.64 -34.26
C LEU C 197 -16.48 -14.90 -33.61
N ILE C 198 -16.34 -14.97 -32.29
CA ILE C 198 -16.82 -16.11 -31.56
C ILE C 198 -17.65 -15.64 -30.44
N LYS C 199 -18.55 -16.51 -30.03
CA LYS C 199 -19.29 -16.28 -28.81
C LYS C 199 -18.49 -16.92 -27.69
N VAL C 200 -18.27 -16.17 -26.61
CA VAL C 200 -17.42 -16.61 -25.52
C VAL C 200 -18.20 -16.40 -24.25
N GLY C 201 -17.78 -17.07 -23.19
CA GLY C 201 -18.34 -16.90 -21.88
C GLY C 201 -17.33 -16.88 -20.72
N ALA C 202 -17.77 -16.32 -19.60
CA ALA C 202 -16.87 -16.20 -18.44
C ALA C 202 -17.63 -15.84 -17.16
N PRO C 203 -17.12 -16.24 -15.98
CA PRO C 203 -17.77 -15.88 -14.74
C PRO C 203 -17.31 -14.54 -14.21
N ILE C 204 -18.24 -13.67 -13.88
CA ILE C 204 -17.89 -12.39 -13.35
C ILE C 204 -18.71 -12.09 -12.12
N ILE C 205 -18.31 -11.04 -11.42
CA ILE C 205 -18.99 -10.54 -10.24
C ILE C 205 -19.77 -9.31 -10.63
N GLU C 206 -21.07 -9.49 -10.83
CA GLU C 206 -21.98 -8.43 -11.30
C GLU C 206 -22.88 -8.01 -10.13
N ASN C 207 -22.68 -6.79 -9.62
CA ASN C 207 -23.43 -6.26 -8.48
C ASN C 207 -23.46 -7.25 -7.31
N GLY C 208 -22.26 -7.42 -6.76
CA GLY C 208 -22.03 -8.27 -5.59
C GLY C 208 -22.05 -9.78 -5.85
N GLU C 209 -22.60 -10.21 -6.98
CA GLU C 209 -22.86 -11.65 -7.16
C GLU C 209 -22.20 -12.28 -8.39
N ARG C 210 -22.03 -13.60 -8.33
CA ARG C 210 -21.38 -14.37 -9.38
C ARG C 210 -22.35 -14.67 -10.50
N VAL C 211 -21.97 -14.38 -11.74
CA VAL C 211 -22.78 -14.79 -12.88
C VAL C 211 -21.95 -15.28 -14.07
N TRP C 212 -22.47 -16.31 -14.73
CA TRP C 212 -21.88 -16.79 -15.96
C TRP C 212 -22.37 -15.88 -17.06
N LYS C 213 -21.49 -15.08 -17.65
CA LYS C 213 -21.85 -14.04 -18.61
C LYS C 213 -21.37 -14.39 -20.02
N GLU C 214 -22.22 -14.16 -21.02
CA GLU C 214 -21.85 -14.42 -22.42
C GLU C 214 -21.64 -13.13 -23.22
N PHE C 215 -20.76 -13.19 -24.22
CA PHE C 215 -20.38 -11.99 -24.94
C PHE C 215 -19.63 -12.31 -26.22
N VAL C 216 -19.33 -11.31 -27.00
CA VAL C 216 -18.69 -11.56 -28.29
C VAL C 216 -17.23 -11.14 -28.28
N ASP C 217 -16.36 -11.92 -28.90
CA ASP C 217 -14.95 -11.49 -29.05
C ASP C 217 -14.41 -12.00 -30.35
N MSE C 218 -13.22 -11.54 -30.70
CA MSE C 218 -12.59 -11.95 -31.92
C MSE C 218 -11.70 -13.14 -31.58
O MSE C 218 -11.26 -13.30 -30.45
CB MSE C 218 -11.83 -10.78 -32.55
CG MSE C 218 -10.94 -11.18 -33.70
SE MSE C 218 -10.42 -9.70 -34.88
CE MSE C 218 -12.16 -9.38 -35.81
N ASP C 219 -11.48 -14.03 -32.56
CA ASP C 219 -10.65 -15.21 -32.31
C ASP C 219 -9.24 -14.90 -32.79
N TYR C 220 -8.56 -14.07 -32.00
CA TYR C 220 -7.22 -13.55 -32.31
C TYR C 220 -6.28 -14.71 -32.61
N ASP C 221 -5.59 -14.60 -33.75
CA ASP C 221 -4.61 -15.61 -34.18
C ASP C 221 -3.20 -15.01 -34.15
N SER C 222 -2.37 -15.46 -33.23
CA SER C 222 -1.00 -14.91 -33.17
C SER C 222 -0.03 -15.45 -34.25
N ASP C 223 -0.35 -16.54 -34.91
CA ASP C 223 0.54 -17.03 -35.99
C ASP C 223 0.81 -16.01 -37.09
N LYS C 224 -0.12 -15.11 -37.34
CA LYS C 224 0.14 -14.07 -38.34
C LYS C 224 1.12 -13.00 -37.83
N PHE C 225 1.18 -12.81 -36.51
CA PHE C 225 2.01 -11.76 -35.94
C PHE C 225 3.45 -11.93 -36.35
N VAL C 226 3.92 -13.17 -36.45
CA VAL C 226 5.32 -13.38 -36.79
C VAL C 226 5.62 -12.80 -38.17
N GLU C 227 4.81 -13.22 -39.12
CA GLU C 227 4.95 -12.76 -40.49
C GLU C 227 4.87 -11.25 -40.53
N ILE C 228 3.91 -10.67 -39.83
CA ILE C 228 3.81 -9.21 -39.83
C ILE C 228 5.07 -8.52 -39.20
N GLY C 229 5.66 -9.14 -38.17
CA GLY C 229 6.86 -8.64 -37.50
C GLY C 229 8.09 -8.67 -38.39
N VAL C 230 8.32 -9.79 -39.07
CA VAL C 230 9.44 -9.86 -40.00
C VAL C 230 9.32 -8.74 -41.04
N GLU C 231 8.14 -8.60 -41.63
CA GLU C 231 7.94 -7.57 -42.65
C GLU C 231 8.08 -6.16 -42.09
N PHE C 232 7.50 -5.90 -40.95
CA PHE C 232 7.64 -4.59 -40.32
C PHE C 232 9.09 -4.19 -40.03
N GLU C 233 9.90 -5.16 -39.62
CA GLU C 233 11.30 -4.89 -39.25
C GLU C 233 12.20 -4.52 -40.44
N GLN C 234 11.88 -5.04 -41.61
CA GLN C 234 12.61 -4.70 -42.84
C GLN C 234 12.67 -3.20 -43.12
N LYS C 235 11.57 -2.51 -42.83
CA LYS C 235 11.47 -1.08 -43.13
C LYS C 235 11.52 -0.28 -41.84
N GLY C 236 10.53 -0.53 -41.01
CA GLY C 236 10.26 0.29 -39.83
C GLY C 236 11.34 0.38 -38.78
N THR C 237 11.04 1.13 -37.73
CA THR C 237 12.00 1.44 -36.69
C THR C 237 11.77 0.46 -35.55
N VAL C 238 12.68 -0.49 -35.41
CA VAL C 238 12.71 -1.35 -34.27
C VAL C 238 14.16 -1.32 -33.76
N THR C 239 14.34 -0.95 -32.51
CA THR C 239 15.62 -1.05 -31.85
C THR C 239 15.85 -2.42 -31.26
N MSE C 240 17.00 -2.96 -31.49
CA MSE C 240 17.33 -4.29 -31.04
C MSE C 240 18.42 -4.20 -30.00
O MSE C 240 19.33 -3.41 -30.14
CB MSE C 240 17.82 -5.10 -32.22
CG MSE C 240 17.00 -4.85 -33.51
SE MSE C 240 15.94 -6.37 -33.90
CE MSE C 240 17.26 -7.84 -33.72
N GLY C 241 18.35 -4.98 -28.96
CA GLY C 241 19.45 -5.00 -27.97
C GLY C 241 19.27 -6.19 -27.05
N LYS C 242 20.21 -6.37 -26.11
CA LYS C 242 20.16 -7.46 -25.14
C LYS C 242 19.90 -6.99 -23.73
N ILE C 243 19.12 -7.79 -23.01
CA ILE C 243 19.04 -7.75 -21.54
C ILE C 243 19.66 -9.05 -21.04
N GLY C 244 20.88 -8.98 -20.54
CA GLY C 244 21.65 -10.20 -20.31
C GLY C 244 21.71 -11.05 -21.58
N ASN C 245 21.20 -12.28 -21.55
CA ASN C 245 21.21 -13.14 -22.76
C ASN C 245 19.98 -12.89 -23.70
N ALA C 246 19.01 -12.11 -23.24
CA ALA C 246 17.73 -11.96 -23.92
C ALA C 246 17.80 -11.02 -25.12
N LYS C 247 17.29 -11.48 -26.24
CA LYS C 247 17.06 -10.62 -27.40
C LYS C 247 15.80 -9.87 -27.23
N CYS C 248 15.91 -8.56 -27.38
CA CYS C 248 14.89 -7.59 -27.06
C CYS C 248 14.67 -6.63 -28.19
N ARG C 249 13.44 -6.12 -28.28
CA ARG C 249 13.08 -5.23 -29.33
C ARG C 249 12.24 -4.17 -28.68
N LEU C 250 12.50 -2.93 -29.04
CA LEU C 250 11.69 -1.84 -28.60
C LEU C 250 11.18 -1.16 -29.84
N MSE C 251 9.90 -0.80 -29.85
CA MSE C 251 9.33 -0.18 -31.03
C MSE C 251 8.14 0.67 -30.60
O MSE C 251 7.64 0.50 -29.52
CB MSE C 251 8.88 -1.27 -32.03
CG MSE C 251 7.57 -1.94 -31.67
SE MSE C 251 7.31 -3.78 -32.38
CE MSE C 251 8.69 -4.78 -31.38
N LYS C 252 7.72 1.59 -31.46
CA LYS C 252 6.55 2.38 -31.20
C LYS C 252 5.30 1.61 -31.52
N GLN C 253 4.36 1.62 -30.58
CA GLN C 253 3.14 0.87 -30.76
C GLN C 253 2.35 1.33 -31.97
N ARG C 254 2.26 2.64 -32.16
CA ARG C 254 1.49 3.14 -33.31
C ARG C 254 1.99 2.62 -34.63
N ASP C 255 3.29 2.65 -34.82
CA ASP C 255 3.93 2.22 -36.06
C ASP C 255 3.60 0.77 -36.40
N ILE C 256 3.74 -0.12 -35.43
CA ILE C 256 3.51 -1.55 -35.65
C ILE C 256 2.02 -1.82 -35.84
N VAL C 257 1.18 -1.11 -35.09
CA VAL C 257 -0.27 -1.28 -35.22
C VAL C 257 -0.78 -0.77 -36.57
N ASP C 258 -0.30 0.38 -37.02
CA ASP C 258 -0.67 0.92 -38.32
C ASP C 258 -0.12 -0.01 -39.42
N PHE C 259 1.09 -0.50 -39.23
CA PHE C 259 1.66 -1.37 -40.24
C PHE C 259 0.80 -2.66 -40.36
N GLY C 260 0.40 -3.20 -39.22
CA GLY C 260 -0.32 -4.48 -39.20
C GLY C 260 -1.66 -4.31 -39.86
N THR C 261 -2.26 -3.14 -39.68
CA THR C 261 -3.55 -2.83 -40.25
C THR C 261 -3.49 -2.81 -41.77
N GLU C 262 -2.49 -2.14 -42.36
CA GLU C 262 -2.29 -2.16 -43.80
C GLU C 262 -2.06 -3.59 -44.27
N TRP C 263 -1.25 -4.34 -43.56
CA TRP C 263 -0.90 -5.71 -43.94
C TRP C 263 -2.11 -6.64 -44.01
N PHE C 264 -3.04 -6.45 -43.10
CA PHE C 264 -4.29 -7.20 -43.15
C PHE C 264 -5.23 -6.82 -44.31
N ARG C 265 -5.27 -5.55 -44.70
CA ARG C 265 -5.99 -5.15 -45.91
C ARG C 265 -5.39 -5.79 -47.14
N LYS C 266 -4.07 -5.95 -47.12
CA LYS C 266 -3.31 -6.74 -48.10
C LYS C 266 -2.56 -5.79 -49.02
N SER D 1 -1.29 -3.76 3.15
CA SER D 1 -0.89 -2.80 2.10
C SER D 1 -1.65 -1.49 2.33
N ASN D 2 -1.02 -0.37 2.00
CA ASN D 2 -1.68 0.92 2.11
C ASN D 2 -2.13 1.46 0.76
N ALA D 3 -1.82 0.72 -0.32
CA ALA D 3 -2.35 1.05 -1.65
C ALA D 3 -3.85 1.11 -1.53
N MSE D 4 -4.48 2.17 -2.00
CA MSE D 4 -5.92 2.28 -1.88
C MSE D 4 -6.67 1.11 -2.54
O MSE D 4 -7.66 0.64 -2.00
CB MSE D 4 -6.40 3.63 -2.36
CG MSE D 4 -6.06 4.78 -1.40
SE MSE D 4 -6.91 4.57 0.39
CE MSE D 4 -8.82 4.74 -0.01
N ASN D 5 -6.18 0.59 -3.67
CA ASN D 5 -6.94 -0.49 -4.30
C ASN D 5 -6.91 -1.76 -3.42
N ASP D 6 -5.81 -2.00 -2.70
CA ASP D 6 -5.76 -3.14 -1.75
C ASP D 6 -6.73 -2.90 -0.58
N ILE D 7 -6.88 -1.67 -0.13
CA ILE D 7 -7.77 -1.38 1.00
C ILE D 7 -9.26 -1.59 0.55
N VAL D 8 -9.59 -1.11 -0.64
CA VAL D 8 -10.93 -1.32 -1.17
C VAL D 8 -11.16 -2.83 -1.36
N ALA D 9 -10.25 -3.54 -2.00
CA ALA D 9 -10.44 -5.00 -2.21
C ALA D 9 -10.61 -5.80 -0.92
N SER D 10 -10.04 -5.36 0.18
CA SER D 10 -10.14 -6.09 1.45
C SER D 10 -11.48 -5.92 2.15
N THR D 11 -12.35 -5.10 1.57
CA THR D 11 -13.63 -4.73 2.16
C THR D 11 -14.85 -5.18 1.31
N GLN D 12 -15.80 -5.75 2.01
CA GLN D 12 -17.02 -6.25 1.45
C GLN D 12 -18.01 -5.13 1.22
N LEU D 13 -18.25 -4.34 2.26
CA LEU D 13 -19.12 -3.17 2.15
C LEU D 13 -18.48 -2.00 2.88
N PRO D 14 -18.75 -0.77 2.46
CA PRO D 14 -18.09 0.35 3.07
C PRO D 14 -18.29 0.41 4.57
N ASN D 15 -17.25 0.80 5.27
CA ASN D 15 -17.40 1.19 6.64
C ASN D 15 -17.90 2.63 6.64
N THR D 16 -18.84 2.89 7.54
CA THR D 16 -19.47 4.18 7.62
C THR D 16 -19.50 4.63 9.08
N ILE D 17 -19.82 5.90 9.33
CA ILE D 17 -19.95 6.32 10.72
C ILE D 17 -20.88 5.37 11.45
N LYS D 18 -21.99 5.02 10.79
CA LYS D 18 -22.94 4.10 11.38
C LYS D 18 -22.42 2.67 11.71
N THR D 19 -21.76 2.03 10.75
CA THR D 19 -21.22 0.71 10.97
C THR D 19 -20.12 0.70 12.04
N ILE D 20 -19.29 1.73 12.04
CA ILE D 20 -18.23 1.88 13.05
C ILE D 20 -18.80 2.15 14.43
N THR D 21 -19.80 3.01 14.53
CA THR D 21 -20.47 3.23 15.79
C THR D 21 -21.02 1.94 16.34
N ASN D 22 -21.75 1.16 15.52
CA ASN D 22 -22.29 -0.10 15.99
C ASN D 22 -21.21 -1.09 16.41
N ASP D 23 -20.12 -1.14 15.64
CA ASP D 23 -18.99 -2.00 15.97
C ASP D 23 -18.33 -1.58 17.35
N LEU D 24 -18.15 -0.28 17.56
CA LEU D 24 -17.64 0.26 18.82
C LEU D 24 -18.52 -0.17 20.02
N ARG D 25 -19.85 -0.08 19.86
CA ARG D 25 -20.77 -0.47 20.92
C ARG D 25 -20.67 -1.92 21.23
N LYS D 26 -20.62 -2.76 20.22
CA LYS D 26 -20.53 -4.20 20.46
C LYS D 26 -19.26 -4.58 21.23
N LEU D 27 -18.19 -3.81 21.02
CA LEU D 27 -16.91 -4.01 21.66
C LEU D 27 -16.98 -3.62 23.15
N GLY D 28 -17.88 -2.71 23.51
CA GLY D 28 -18.03 -2.27 24.87
C GLY D 28 -17.87 -0.78 25.10
N LEU D 29 -17.66 0.00 24.05
CA LEU D 29 -17.53 1.44 24.25
C LEU D 29 -18.92 1.90 24.70
N LYS D 30 -18.96 2.80 25.70
CA LYS D 30 -20.23 3.30 26.20
C LYS D 30 -20.19 4.79 26.41
N LYS D 31 -21.37 5.37 26.52
CA LYS D 31 -21.51 6.77 26.83
C LYS D 31 -20.87 7.08 28.19
N GLY D 32 -20.10 8.18 28.27
CA GLY D 32 -19.52 8.62 29.55
C GLY D 32 -18.11 8.08 29.85
N MSE D 33 -17.62 7.16 29.04
CA MSE D 33 -16.35 6.56 29.26
C MSE D 33 -15.25 7.57 29.05
O MSE D 33 -15.37 8.46 28.22
CB MSE D 33 -16.08 5.47 28.24
CG MSE D 33 -16.59 4.11 28.55
SE MSE D 33 -15.52 2.81 27.49
CE MSE D 33 -16.61 1.44 28.32
N THR D 34 -14.16 7.35 29.78
CA THR D 34 -12.89 8.00 29.50
C THR D 34 -12.04 7.00 28.75
N VAL D 35 -11.59 7.35 27.54
CA VAL D 35 -10.84 6.40 26.74
C VAL D 35 -9.72 7.04 25.95
N ILE D 36 -8.57 6.40 25.95
CA ILE D 36 -7.42 6.78 25.15
C ILE D 36 -7.40 5.80 23.98
N VAL D 37 -7.27 6.35 22.76
CA VAL D 37 -7.44 5.60 21.52
C VAL D 37 -6.18 5.65 20.71
N HIS D 38 -5.74 4.49 20.22
CA HIS D 38 -4.64 4.35 19.33
C HIS D 38 -5.15 3.61 18.11
N SER D 39 -4.83 4.09 16.92
CA SER D 39 -5.39 3.49 15.71
C SER D 39 -4.51 3.48 14.49
N SER D 40 -4.91 2.57 13.57
CA SER D 40 -4.50 2.48 12.20
C SER D 40 -5.75 2.53 11.30
N LEU D 41 -5.85 3.56 10.47
CA LEU D 41 -6.98 3.74 9.60
C LEU D 41 -7.09 2.63 8.54
N SER D 42 -5.96 2.28 7.95
CA SER D 42 -5.95 1.34 6.88
C SER D 42 -6.41 -0.03 7.37
N SER D 43 -6.20 -0.35 8.67
CA SER D 43 -6.53 -1.68 9.17
C SER D 43 -8.04 -1.94 9.19
N ILE D 44 -8.85 -0.91 9.24
CA ILE D 44 -10.31 -1.08 9.26
C ILE D 44 -10.90 -1.57 7.89
N GLY D 45 -10.29 -1.19 6.78
CA GLY D 45 -10.89 -1.40 5.47
C GLY D 45 -11.38 -0.05 5.02
N TRP D 46 -11.97 0.03 3.81
CA TRP D 46 -12.32 1.31 3.21
C TRP D 46 -13.44 1.96 3.97
N ILE D 47 -13.24 3.22 4.31
CA ILE D 47 -14.20 3.98 5.12
C ILE D 47 -14.68 5.20 4.33
N SER D 48 -15.99 5.34 4.27
CA SER D 48 -16.58 6.51 3.66
C SER D 48 -16.43 7.64 4.64
N GLY D 49 -15.54 8.57 4.34
CA GLY D 49 -15.31 9.70 5.19
C GLY D 49 -13.91 9.62 5.80
N GLY D 50 -13.23 8.48 5.62
CA GLY D 50 -11.92 8.26 6.25
C GLY D 50 -11.84 8.55 7.75
N ALA D 51 -10.86 9.37 8.12
CA ALA D 51 -10.54 9.65 9.54
C ALA D 51 -11.67 10.43 10.20
N VAL D 52 -12.31 11.31 9.41
CA VAL D 52 -13.47 12.07 9.86
C VAL D 52 -14.52 11.10 10.40
N ALA D 53 -14.73 10.01 9.67
CA ALA D 53 -15.80 9.10 10.05
C ALA D 53 -15.43 8.45 11.39
N VAL D 54 -14.19 7.99 11.53
CA VAL D 54 -13.78 7.32 12.76
C VAL D 54 -13.89 8.24 13.94
N VAL D 55 -13.36 9.45 13.80
CA VAL D 55 -13.54 10.45 14.86
C VAL D 55 -15.00 10.70 15.21
N GLU D 56 -15.86 10.92 14.23
CA GLU D 56 -17.27 11.21 14.50
C GLU D 56 -17.92 10.03 15.16
N ALA D 57 -17.52 8.84 14.78
CA ALA D 57 -18.05 7.64 15.36
C ALA D 57 -17.67 7.56 16.85
N LEU D 58 -16.44 7.88 17.16
CA LEU D 58 -16.01 7.83 18.57
C LEU D 58 -16.79 8.82 19.39
N MSE D 59 -16.97 10.01 18.83
CA MSE D 59 -17.61 11.09 19.57
C MSE D 59 -19.06 10.78 19.76
O MSE D 59 -19.63 11.12 20.81
CB MSE D 59 -17.46 12.39 18.84
CG MSE D 59 -16.03 12.87 18.84
SE MSE D 59 -15.96 14.55 17.82
CE MSE D 59 -14.14 15.20 18.43
N GLU D 60 -19.67 10.14 18.75
CA GLU D 60 -21.08 9.74 18.82
C GLU D 60 -21.32 8.77 19.96
N VAL D 61 -20.43 7.80 20.12
CA VAL D 61 -20.60 6.79 21.17
C VAL D 61 -20.22 7.35 22.56
N ILE D 62 -19.08 8.01 22.69
CA ILE D 62 -18.63 8.54 23.99
C ILE D 62 -19.43 9.77 24.46
N THR D 63 -19.71 10.69 23.55
CA THR D 63 -20.36 11.95 23.82
C THR D 63 -19.50 12.90 24.70
N GLU D 64 -19.97 14.15 24.74
CA GLU D 64 -19.31 15.22 25.46
C GLU D 64 -19.25 14.96 26.99
N GLU D 65 -20.16 14.15 27.50
CA GLU D 65 -20.13 13.65 28.86
C GLU D 65 -19.06 12.58 29.11
N GLY D 66 -18.46 12.03 28.06
CA GLY D 66 -17.25 11.20 28.25
C GLY D 66 -16.00 11.97 27.83
N THR D 67 -14.88 11.28 27.71
CA THR D 67 -13.65 11.92 27.33
C THR D 67 -12.85 11.02 26.42
N ILE D 68 -12.43 11.57 25.28
CA ILE D 68 -11.59 10.88 24.35
C ILE D 68 -10.22 11.52 24.45
N ILE D 69 -9.19 10.69 24.54
CA ILE D 69 -7.80 11.16 24.54
C ILE D 69 -6.98 10.50 23.45
N MSE D 70 -6.09 11.22 22.79
CA MSE D 70 -5.13 10.57 21.90
C MSE D 70 -3.76 11.15 22.03
O MSE D 70 -3.62 12.32 22.23
CB MSE D 70 -5.56 10.70 20.40
CG MSE D 70 -7.00 10.33 20.20
SE MSE D 70 -7.43 10.12 18.21
CE MSE D 70 -9.38 10.06 18.38
N PRO D 71 -2.73 10.31 21.89
CA PRO D 71 -1.35 10.87 22.02
C PRO D 71 -1.07 11.71 20.78
N THR D 72 -0.42 12.85 20.98
CA THR D 72 -0.10 13.76 19.88
C THR D 72 1.37 14.05 19.84
N GLN D 73 2.16 12.98 19.87
CA GLN D 73 3.61 13.11 19.93
C GLN D 73 4.24 13.74 18.71
N SER D 74 5.30 14.50 18.95
CA SER D 74 5.97 15.22 17.88
C SER D 74 7.49 15.06 17.94
N SER D 75 7.92 13.80 17.83
CA SER D 75 9.30 13.37 18.01
C SER D 75 10.29 14.00 17.04
N ASP D 76 9.85 14.58 15.93
CA ASP D 76 10.89 15.23 15.15
C ASP D 76 11.32 16.64 15.70
N LEU D 77 10.76 17.03 16.84
CA LEU D 77 11.30 18.15 17.58
C LEU D 77 12.48 17.71 18.47
N SER D 78 12.85 16.44 18.42
CA SER D 78 13.85 15.94 19.39
C SER D 78 15.29 16.23 18.95
N ASP D 79 16.22 15.95 19.87
CA ASP D 79 17.64 16.14 19.62
C ASP D 79 18.05 15.13 18.61
N PRO D 80 18.65 15.57 17.52
CA PRO D 80 18.93 14.62 16.44
C PRO D 80 20.06 13.66 16.75
N LYS D 81 20.79 13.88 17.86
CA LYS D 81 21.90 12.97 18.19
C LYS D 81 21.41 11.51 18.30
N HIS D 82 20.15 11.33 18.70
CA HIS D 82 19.61 10.00 18.88
C HIS D 82 18.84 9.44 17.68
N TRP D 83 18.72 10.17 16.59
CA TRP D 83 17.84 9.67 15.55
C TRP D 83 18.42 8.45 14.87
N SER D 84 17.56 7.47 14.59
CA SER D 84 17.99 6.30 13.77
C SER D 84 17.13 6.04 12.53
N ARG D 85 15.96 6.65 12.43
CA ARG D 85 15.02 6.37 11.35
C ARG D 85 14.65 7.59 10.50
N PRO D 86 15.58 8.09 9.71
CA PRO D 86 16.98 7.72 9.67
C PRO D 86 17.81 8.71 10.49
N PRO D 87 19.09 8.39 10.69
CA PRO D 87 19.94 9.36 11.34
C PRO D 87 20.29 10.46 10.34
N VAL D 88 20.73 11.62 10.80
CA VAL D 88 21.26 12.66 9.90
C VAL D 88 22.73 12.90 10.28
N PRO D 89 23.53 13.44 9.38
CA PRO D 89 24.95 13.66 9.67
C PRO D 89 25.16 14.57 10.86
N GLU D 90 26.25 14.32 11.54
CA GLU D 90 26.55 14.97 12.80
C GLU D 90 26.76 16.46 12.63
N GLU D 91 27.30 16.85 11.49
CA GLU D 91 27.40 18.27 11.21
C GLU D 91 26.03 19.03 11.16
N TRP D 92 24.90 18.31 11.15
CA TRP D 92 23.59 18.96 11.04
C TRP D 92 22.99 19.26 12.42
N TRP D 93 23.58 18.68 13.46
CA TRP D 93 22.89 18.61 14.74
C TRP D 93 22.75 19.95 15.44
N GLN D 94 23.79 20.75 15.48
CA GLN D 94 23.66 22.07 16.11
C GLN D 94 22.79 23.01 15.22
N ILE D 95 22.91 22.91 13.88
CA ILE D 95 22.02 23.67 12.99
C ILE D 95 20.56 23.37 13.31
N ILE D 96 20.25 22.10 13.62
CA ILE D 96 18.91 21.69 13.91
C ILE D 96 18.42 22.22 15.24
N ARG D 97 19.28 22.10 16.29
CA ARG D 97 18.94 22.63 17.60
C ARG D 97 18.73 24.15 17.56
N ASP D 98 19.51 24.86 16.74
CA ASP D 98 19.34 26.30 16.54
C ASP D 98 18.17 26.71 15.63
N ASN D 99 17.58 25.78 14.85
CA ASN D 99 16.58 26.20 13.78
C ASN D 99 15.21 25.52 13.80
N VAL D 100 15.15 24.30 14.30
CA VAL D 100 13.90 23.61 14.40
C VAL D 100 12.84 24.46 15.13
N PRO D 101 11.65 24.64 14.52
CA PRO D 101 10.63 25.50 15.09
C PRO D 101 10.12 25.00 16.43
N ALA D 102 9.94 25.94 17.36
CA ALA D 102 9.36 25.67 18.65
C ALA D 102 7.99 24.95 18.63
N PHE D 103 7.76 24.10 19.63
CA PHE D 103 6.45 23.52 19.80
C PHE D 103 5.41 24.57 20.08
N GLU D 104 4.32 24.54 19.30
CA GLU D 104 3.14 25.29 19.63
C GLU D 104 1.92 24.40 19.42
N PRO D 105 1.07 24.30 20.45
CA PRO D 105 0.03 23.30 20.47
C PRO D 105 -0.96 23.39 19.31
N HIS D 106 -1.21 24.58 18.80
CA HIS D 106 -2.23 24.78 17.79
C HIS D 106 -1.68 24.56 16.39
N ILE D 107 -0.38 24.28 16.29
CA ILE D 107 0.33 24.30 15.02
C ILE D 107 1.15 23.05 14.78
N THR D 108 1.91 22.59 15.78
CA THR D 108 2.85 21.50 15.59
C THR D 108 2.25 20.14 15.20
N PRO D 109 2.67 19.58 14.07
CA PRO D 109 2.06 18.33 13.59
C PRO D 109 2.57 17.18 14.36
N THR D 110 1.81 16.11 14.44
CA THR D 110 2.26 14.89 15.06
C THR D 110 3.08 14.09 14.10
N ARG D 111 3.78 13.08 14.55
CA ARG D 111 4.51 12.23 13.67
C ARG D 111 4.34 10.79 14.11
N ALA D 112 3.99 9.95 13.17
CA ALA D 112 3.73 8.53 13.43
C ALA D 112 2.57 8.31 14.36
N MSE D 113 1.65 9.27 14.50
CA MSE D 113 0.49 9.05 15.36
C MSE D 113 -0.72 8.50 14.50
O MSE D 113 -1.60 7.83 14.99
CB MSE D 113 0.09 10.34 16.09
CG MSE D 113 1.09 10.87 17.10
SE MSE D 113 1.41 9.60 18.53
CE MSE D 113 3.01 8.79 17.78
N GLY D 114 -0.73 8.86 13.23
CA GLY D 114 -1.81 8.43 12.29
C GLY D 114 -2.78 9.53 11.93
N LYS D 115 -3.45 9.31 10.82
CA LYS D 115 -4.41 10.25 10.27
C LYS D 115 -5.55 10.53 11.18
N VAL D 116 -5.96 9.53 11.96
CA VAL D 116 -7.11 9.74 12.84
C VAL D 116 -6.74 10.81 13.90
N VAL D 117 -5.50 10.71 14.42
CA VAL D 117 -5.03 11.71 15.43
C VAL D 117 -4.87 13.09 14.77
N GLU D 118 -4.35 13.13 13.57
CA GLU D 118 -4.22 14.44 12.89
C GLU D 118 -5.57 15.07 12.63
N CYS D 119 -6.59 14.26 12.35
CA CYS D 119 -7.96 14.80 12.19
C CYS D 119 -8.51 15.27 13.54
N PHE D 120 -8.39 14.39 14.53
CA PHE D 120 -8.93 14.64 15.87
C PHE D 120 -8.35 15.89 16.48
N ARG D 121 -7.05 16.03 16.45
CA ARG D 121 -6.42 17.14 17.11
C ARG D 121 -6.82 18.48 16.53
N THR D 122 -7.34 18.54 15.29
CA THR D 122 -7.90 19.78 14.72
C THR D 122 -9.34 20.08 15.03
N TYR D 123 -10.11 19.17 15.59
CA TYR D 123 -11.49 19.51 15.94
C TYR D 123 -11.61 20.62 16.98
N PRO D 124 -12.72 21.32 16.97
CA PRO D 124 -13.02 22.35 17.94
C PRO D 124 -13.27 21.73 19.31
N ASN D 125 -12.96 22.47 20.35
CA ASN D 125 -13.02 21.97 21.73
C ASN D 125 -12.06 20.80 22.03
N VAL D 126 -11.06 20.56 21.19
CA VAL D 126 -9.99 19.61 21.53
C VAL D 126 -8.89 20.42 22.15
N VAL D 127 -8.39 19.96 23.28
N VAL D 127 -8.39 20.00 23.29
CA VAL D 127 -7.36 20.67 24.04
CA VAL D 127 -7.32 20.75 23.96
C VAL D 127 -6.13 19.83 23.91
C VAL D 127 -6.13 19.86 24.01
N ARG D 128 -4.97 20.46 23.79
CA ARG D 128 -3.71 19.74 23.70
C ARG D 128 -2.80 20.09 24.87
N SER D 129 -2.14 19.10 25.44
CA SER D 129 -1.24 19.38 26.56
C SER D 129 0.05 20.03 26.05
N ASN D 130 0.77 20.62 27.00
CA ASN D 130 1.94 21.43 26.71
C ASN D 130 3.21 20.63 26.89
N HIS D 131 3.66 19.95 25.85
CA HIS D 131 4.93 19.22 25.91
C HIS D 131 5.38 19.07 24.51
N PRO D 132 6.66 19.38 24.28
CA PRO D 132 7.14 19.52 22.93
C PRO D 132 7.40 18.22 22.21
N LEU D 133 7.39 17.11 22.95
CA LEU D 133 7.64 15.82 22.41
C LEU D 133 6.54 14.82 22.70
N GLY D 134 5.99 14.86 23.91
CA GLY D 134 5.01 13.87 24.35
C GLY D 134 3.63 14.41 24.70
N SER D 135 3.10 15.33 23.92
CA SER D 135 1.81 15.89 24.20
C SER D 135 0.70 14.87 23.91
N PHE D 136 -0.47 15.18 24.44
CA PHE D 136 -1.68 14.43 24.28
C PHE D 136 -2.77 15.43 23.99
N ALA D 137 -3.78 15.01 23.22
CA ALA D 137 -4.96 15.84 23.01
C ALA D 137 -6.20 15.14 23.57
N ALA D 138 -7.12 15.94 24.07
CA ALA D 138 -8.32 15.42 24.71
C ALA D 138 -9.58 16.23 24.34
N TRP D 139 -10.69 15.52 24.35
CA TRP D 139 -12.02 16.12 24.06
C TRP D 139 -13.09 15.57 25.01
N GLY D 140 -13.94 16.46 25.54
CA GLY D 140 -15.01 16.06 26.41
C GLY D 140 -14.83 16.47 27.87
N ARG D 141 -15.58 15.82 28.74
CA ARG D 141 -15.78 16.29 30.10
C ARG D 141 -14.48 16.58 30.89
N HIS D 142 -13.52 15.67 30.81
CA HIS D 142 -12.30 15.74 31.59
C HIS D 142 -11.11 16.12 30.79
N ALA D 143 -11.33 16.77 29.67
CA ALA D 143 -10.27 17.06 28.72
C ALA D 143 -9.28 18.04 29.29
N GLU D 144 -9.77 19.08 29.95
CA GLU D 144 -8.92 20.06 30.56
C GLU D 144 -8.14 19.46 31.76
N GLU D 145 -8.83 18.79 32.66
CA GLU D 145 -8.22 18.16 33.81
C GLU D 145 -7.08 17.21 33.33
N ILE D 146 -7.30 16.49 32.23
CA ILE D 146 -6.31 15.52 31.76
C ILE D 146 -5.11 16.14 31.09
N THR D 147 -5.26 17.27 30.44
CA THR D 147 -4.19 17.80 29.65
C THR D 147 -3.38 18.87 30.37
N VAL D 148 -3.89 19.46 31.45
CA VAL D 148 -3.22 20.59 32.09
C VAL D 148 -1.99 20.19 32.94
N ASN D 149 -1.00 21.10 33.00
CA ASN D 149 0.19 20.97 33.83
C ASN D 149 1.01 19.73 33.54
N GLN D 150 1.17 19.34 32.28
CA GLN D 150 2.05 18.22 31.98
C GLN D 150 3.47 18.67 32.35
N SER D 151 4.25 17.89 33.09
CA SER D 151 5.62 18.42 33.37
C SER D 151 6.55 18.19 32.19
N LEU D 152 7.60 18.99 32.11
CA LEU D 152 8.56 18.86 31.02
C LEU D 152 9.40 17.61 31.15
N SER D 153 9.93 17.41 32.34
CA SER D 153 10.71 16.24 32.63
C SER D 153 9.78 15.12 32.94
N MSE D 154 10.17 13.90 32.61
CA MSE D 154 9.36 12.70 32.90
C MSE D 154 7.96 12.89 32.28
O MSE D 154 6.95 12.87 32.95
CB MSE D 154 9.26 12.48 34.40
CG MSE D 154 10.61 12.55 35.15
SE MSE D 154 11.83 11.10 34.54
CE MSE D 154 10.62 9.54 34.90
N SER D 155 7.95 13.13 31.00
CA SER D 155 6.76 13.52 30.30
C SER D 155 5.62 12.50 30.38
N LEU D 156 5.92 11.23 30.56
CA LEU D 156 4.89 10.21 30.60
C LEU D 156 4.71 9.64 31.99
N GLY D 157 5.18 10.35 32.98
CA GLY D 157 5.17 9.88 34.35
C GLY D 157 4.01 10.43 35.15
N GLU D 158 4.29 10.69 36.41
CA GLU D 158 3.25 10.97 37.40
C GLU D 158 2.58 12.32 37.25
N GLU D 159 3.20 13.29 36.57
CA GLU D 159 2.52 14.54 36.23
C GLU D 159 2.20 14.62 34.72
N SER D 160 1.56 13.57 34.21
CA SER D 160 1.26 13.43 32.81
C SER D 160 -0.20 13.05 32.65
N PRO D 161 -0.71 13.27 31.45
CA PRO D 161 -2.04 12.74 31.15
C PRO D 161 -2.23 11.27 31.40
N LEU D 162 -1.21 10.45 31.28
CA LEU D 162 -1.35 9.03 31.61
C LEU D 162 -1.76 8.79 33.08
N ARG D 163 -1.18 9.56 34.02
CA ARG D 163 -1.59 9.39 35.43
C ARG D 163 -3.03 9.87 35.68
N LYS D 164 -3.45 10.93 35.01
CA LYS D 164 -4.81 11.43 35.16
C LYS D 164 -5.86 10.44 34.64
N ILE D 165 -5.55 9.75 33.55
CA ILE D 165 -6.43 8.70 33.05
C ILE D 165 -6.46 7.55 34.02
N TYR D 166 -5.31 7.23 34.58
CA TYR D 166 -5.20 6.22 35.62
C TYR D 166 -6.10 6.54 36.77
N ASP D 167 -6.07 7.77 37.22
CA ASP D 167 -6.85 8.19 38.41
C ASP D 167 -8.37 8.17 38.07
N LEU D 168 -8.71 8.37 36.80
CA LEU D 168 -10.08 8.31 36.35
C LEU D 168 -10.57 6.88 36.00
N ASP D 169 -9.76 5.83 36.21
CA ASP D 169 -10.13 4.46 35.84
C ASP D 169 -10.59 4.38 34.35
N GLY D 170 -9.84 5.03 33.48
CA GLY D 170 -10.13 5.06 32.05
C GLY D 170 -9.86 3.78 31.28
N TYR D 171 -10.19 3.83 29.99
CA TYR D 171 -10.01 2.67 29.12
C TYR D 171 -9.00 3.01 28.05
N ILE D 172 -8.44 1.94 27.47
CA ILE D 172 -7.54 2.03 26.36
C ILE D 172 -8.16 1.25 25.22
N LEU D 173 -8.27 1.90 24.05
CA LEU D 173 -8.78 1.29 22.81
C LEU D 173 -7.68 1.24 21.72
N LEU D 174 -7.29 0.02 21.34
CA LEU D 174 -6.38 -0.24 20.25
C LEU D 174 -7.17 -0.64 18.97
N ILE D 175 -7.12 0.15 17.92
CA ILE D 175 -7.84 -0.18 16.69
C ILE D 175 -6.83 -0.59 15.66
N GLY D 176 -6.66 -1.91 15.45
CA GLY D 176 -5.76 -2.41 14.38
C GLY D 176 -4.24 -2.18 14.65
N VAL D 177 -3.90 -1.99 15.93
CA VAL D 177 -2.52 -1.80 16.33
C VAL D 177 -2.29 -2.65 17.56
N GLY D 178 -1.03 -2.94 17.80
CA GLY D 178 -0.61 -3.79 18.89
C GLY D 178 -0.09 -3.01 20.10
N TYR D 179 0.48 -3.75 21.02
CA TYR D 179 0.84 -3.21 22.31
C TYR D 179 2.00 -2.26 22.28
N ASP D 180 2.84 -2.35 21.25
CA ASP D 180 3.88 -1.35 21.11
C ASP D 180 3.36 0.05 20.82
N SER D 181 2.10 0.19 20.40
CA SER D 181 1.50 1.50 20.35
C SER D 181 0.80 1.94 21.65
N ASN D 182 0.85 1.09 22.69
CA ASN D 182 0.11 1.35 23.93
C ASN D 182 0.90 2.28 24.89
N THR D 183 0.85 3.58 24.64
CA THR D 183 1.56 4.58 25.43
C THR D 183 1.41 4.45 26.99
N SER D 184 0.25 4.04 27.48
CA SER D 184 -0.04 3.94 28.89
C SER D 184 0.99 3.10 29.64
N VAL D 185 1.55 2.10 28.99
CA VAL D 185 2.55 1.24 29.61
C VAL D 185 3.84 2.02 29.98
N ALA D 186 4.11 3.16 29.34
CA ALA D 186 5.25 3.96 29.73
C ALA D 186 5.05 4.35 31.18
N LEU D 187 3.81 4.51 31.63
CA LEU D 187 3.60 4.81 33.04
C LEU D 187 4.04 3.65 33.94
N SER D 188 3.80 2.41 33.53
CA SER D 188 4.43 1.28 34.23
C SER D 188 5.96 1.36 34.30
N GLU D 189 6.60 1.73 33.20
CA GLU D 189 8.04 1.80 33.15
C GLU D 189 8.46 2.83 34.17
N VAL D 190 7.82 4.01 34.20
CA VAL D 190 8.19 5.05 35.20
C VAL D 190 8.12 4.49 36.61
N ARG D 191 7.01 3.85 36.95
CA ARG D 191 6.75 3.39 38.30
C ARG D 191 7.60 2.27 38.77
N SER D 192 8.15 1.51 37.86
CA SER D 192 8.97 0.42 38.28
C SER D 192 10.44 0.87 38.46
N GLY D 193 10.80 2.03 37.89
CA GLY D 193 12.22 2.43 37.73
C GLY D 193 12.98 1.45 36.83
N ALA D 194 12.38 1.07 35.71
CA ALA D 194 12.90 -0.01 34.84
C ALA D 194 13.45 0.46 33.49
N CYS D 195 13.74 1.74 33.37
CA CYS D 195 14.52 2.24 32.24
C CYS D 195 15.51 3.33 32.75
N GLU D 196 16.45 3.70 31.89
CA GLU D 196 17.47 4.72 32.19
C GLU D 196 16.87 6.10 32.16
N LEU D 197 17.46 7.04 32.89
CA LEU D 197 17.24 8.42 32.58
C LEU D 197 18.22 8.84 31.49
N ILE D 198 17.73 9.70 30.61
CA ILE D 198 18.53 10.30 29.55
C ILE D 198 18.31 11.81 29.53
N LYS D 199 19.27 12.52 28.97
CA LYS D 199 19.10 13.94 28.82
C LYS D 199 18.49 14.20 27.43
N VAL D 200 17.40 14.93 27.42
CA VAL D 200 16.68 15.13 26.17
C VAL D 200 16.61 16.64 25.92
N GLY D 201 16.41 17.01 24.66
CA GLY D 201 16.23 18.42 24.29
C GLY D 201 15.04 18.59 23.34
N ALA D 202 14.48 19.80 23.31
CA ALA D 202 13.41 20.18 22.42
C ALA D 202 13.27 21.72 22.40
N PRO D 203 12.64 22.25 21.35
CA PRO D 203 12.39 23.67 21.28
C PRO D 203 11.01 24.02 21.82
N ILE D 204 11.00 24.96 22.75
CA ILE D 204 9.79 25.44 23.38
C ILE D 204 9.73 26.96 23.28
N ILE D 205 8.56 27.51 23.56
CA ILE D 205 8.41 28.93 23.74
C ILE D 205 8.44 29.24 25.21
N GLU D 206 9.52 29.89 25.64
CA GLU D 206 9.74 30.27 27.03
C GLU D 206 10.07 31.74 27.02
N ASN D 207 9.32 32.50 27.84
CA ASN D 207 9.49 33.94 27.93
C ASN D 207 9.29 34.57 26.58
N GLY D 208 8.33 34.07 25.82
CA GLY D 208 7.96 34.71 24.54
C GLY D 208 8.85 34.44 23.33
N GLU D 209 9.84 33.56 23.50
CA GLU D 209 10.78 33.23 22.43
C GLU D 209 11.19 31.77 22.40
N ARG D 210 11.61 31.36 21.23
CA ARG D 210 12.16 30.04 21.01
C ARG D 210 13.44 29.77 21.82
N VAL D 211 13.44 28.67 22.58
CA VAL D 211 14.60 28.24 23.40
C VAL D 211 14.84 26.74 23.11
N TRP D 212 16.07 26.34 22.81
CA TRP D 212 16.39 24.92 22.81
C TRP D 212 16.55 24.48 24.27
N LYS D 213 15.58 23.75 24.80
CA LYS D 213 15.48 23.46 26.21
C LYS D 213 15.92 22.03 26.53
N GLU D 214 16.79 21.88 27.53
CA GLU D 214 17.17 20.53 27.97
C GLU D 214 16.45 20.10 29.27
N PHE D 215 16.27 18.80 29.42
CA PHE D 215 15.43 18.27 30.47
C PHE D 215 15.72 16.78 30.58
N VAL D 216 15.17 16.14 31.61
CA VAL D 216 15.45 14.75 31.91
C VAL D 216 14.18 13.97 31.63
N ASP D 217 14.33 12.85 30.96
CA ASP D 217 13.19 11.97 30.75
C ASP D 217 13.70 10.56 30.86
N MSE D 218 12.78 9.62 30.84
CA MSE D 218 13.13 8.24 30.74
C MSE D 218 13.30 7.92 29.27
O MSE D 218 12.75 8.58 28.43
CB MSE D 218 12.01 7.44 31.35
CG MSE D 218 12.28 5.98 31.36
SE MSE D 218 11.35 5.16 32.85
CE MSE D 218 12.59 5.79 34.29
N ASP D 219 14.08 6.90 28.97
CA ASP D 219 14.30 6.41 27.61
C ASP D 219 13.36 5.22 27.42
N TYR D 220 12.10 5.55 27.21
CA TYR D 220 11.01 4.58 27.09
C TYR D 220 11.32 3.53 26.01
N ASP D 221 11.13 2.27 26.36
CA ASP D 221 11.39 1.18 25.43
C ASP D 221 10.06 0.49 25.09
N SER D 222 9.52 0.72 23.90
CA SER D 222 8.30 0.04 23.49
C SER D 222 8.45 -1.44 23.10
N ASP D 223 9.66 -1.95 22.92
CA ASP D 223 9.81 -3.40 22.71
C ASP D 223 9.42 -4.25 23.92
N LYS D 224 9.54 -3.72 25.13
CA LYS D 224 9.10 -4.44 26.32
C LYS D 224 7.56 -4.47 26.43
N PHE D 225 6.87 -3.57 25.72
CA PHE D 225 5.39 -3.46 25.74
C PHE D 225 4.75 -4.62 25.04
N VAL D 226 5.36 -5.04 23.96
CA VAL D 226 4.83 -6.13 23.22
C VAL D 226 4.89 -7.37 24.09
N GLU D 227 5.98 -7.52 24.84
CA GLU D 227 6.16 -8.70 25.63
C GLU D 227 5.17 -8.63 26.84
N ILE D 228 5.01 -7.46 27.44
CA ILE D 228 4.01 -7.29 28.45
C ILE D 228 2.60 -7.61 27.92
N GLY D 229 2.28 -7.15 26.72
CA GLY D 229 0.97 -7.33 26.19
C GLY D 229 0.61 -8.78 25.91
N VAL D 230 1.56 -9.54 25.38
CA VAL D 230 1.40 -10.98 25.23
C VAL D 230 1.06 -11.61 26.59
N GLU D 231 1.82 -11.24 27.63
CA GLU D 231 1.52 -11.79 28.94
C GLU D 231 0.21 -11.33 29.54
N PHE D 232 -0.10 -10.07 29.35
CA PHE D 232 -1.29 -9.51 29.96
C PHE D 232 -2.51 -10.24 29.40
N GLU D 233 -2.46 -10.58 28.13
CA GLU D 233 -3.58 -11.28 27.49
C GLU D 233 -3.79 -12.72 27.95
N GLN D 234 -2.70 -13.42 28.30
CA GLN D 234 -2.81 -14.73 28.92
C GLN D 234 -3.34 -14.65 30.34
N LYS D 235 -3.33 -13.48 30.96
CA LYS D 235 -3.61 -13.34 32.40
C LYS D 235 -4.54 -12.24 32.87
N GLY D 236 -4.72 -11.19 32.07
CA GLY D 236 -5.51 -10.05 32.49
C GLY D 236 -6.79 -9.99 31.71
N THR D 237 -7.56 -8.95 31.93
CA THR D 237 -8.84 -8.79 31.24
C THR D 237 -8.72 -7.83 30.05
N VAL D 238 -9.00 -8.36 28.86
CA VAL D 238 -9.05 -7.60 27.64
C VAL D 238 -10.21 -8.10 26.79
N THR D 239 -10.98 -7.15 26.27
CA THR D 239 -12.07 -7.42 25.36
C THR D 239 -11.55 -7.26 23.91
N MSE D 240 -11.91 -8.20 23.06
CA MSE D 240 -11.51 -8.16 21.65
C MSE D 240 -12.69 -8.17 20.74
O MSE D 240 -13.68 -8.79 21.04
CB MSE D 240 -10.69 -9.35 21.37
CG MSE D 240 -9.81 -9.59 22.51
SE MSE D 240 -8.16 -10.18 21.89
CE MSE D 240 -7.68 -11.35 23.45
N GLY D 241 -12.60 -7.43 19.66
CA GLY D 241 -13.66 -7.39 18.68
C GLY D 241 -13.11 -6.83 17.42
N LYS D 242 -13.98 -6.63 16.45
CA LYS D 242 -13.56 -6.09 15.18
C LYS D 242 -14.30 -4.85 14.83
N ILE D 243 -13.56 -3.89 14.31
CA ILE D 243 -14.13 -2.75 13.63
C ILE D 243 -13.70 -2.95 12.15
N GLY D 244 -14.63 -3.30 11.26
CA GLY D 244 -14.30 -3.65 9.88
C GLY D 244 -13.33 -4.81 9.90
N ASN D 245 -12.18 -4.68 9.29
CA ASN D 245 -11.20 -5.76 9.34
C ASN D 245 -10.26 -5.65 10.52
N ALA D 246 -10.35 -4.54 11.25
CA ALA D 246 -9.38 -4.26 12.33
C ALA D 246 -9.68 -5.07 13.59
N LYS D 247 -8.68 -5.80 14.05
CA LYS D 247 -8.75 -6.36 15.39
C LYS D 247 -8.40 -5.30 16.45
N CYS D 248 -9.34 -5.17 17.38
CA CYS D 248 -9.38 -4.16 18.34
C CYS D 248 -9.38 -4.77 19.70
N ARG D 249 -8.84 -4.01 20.65
CA ARG D 249 -8.82 -4.38 22.04
C ARG D 249 -9.27 -3.22 22.88
N LEU D 250 -10.07 -3.55 23.88
CA LEU D 250 -10.49 -2.57 24.85
C LEU D 250 -10.16 -3.10 26.25
N MSE D 251 -9.53 -2.26 27.05
CA MSE D 251 -9.06 -2.68 28.34
C MSE D 251 -9.00 -1.51 29.33
O MSE D 251 -8.97 -0.32 28.95
CB MSE D 251 -7.69 -3.30 28.15
CG MSE D 251 -6.59 -2.29 27.98
SE MSE D 251 -4.91 -3.12 27.32
CE MSE D 251 -3.70 -1.61 27.49
N LYS D 252 -8.97 -1.82 30.62
CA LYS D 252 -8.87 -0.79 31.61
C LYS D 252 -7.41 -0.40 31.74
N GLN D 253 -7.17 0.91 31.69
CA GLN D 253 -5.81 1.39 31.80
C GLN D 253 -5.16 1.00 33.12
N ARG D 254 -5.92 1.07 34.22
CA ARG D 254 -5.37 0.72 35.54
C ARG D 254 -4.89 -0.72 35.57
N ASP D 255 -5.63 -1.63 34.92
CA ASP D 255 -5.24 -3.04 34.88
C ASP D 255 -3.91 -3.24 34.16
N ILE D 256 -3.78 -2.74 32.95
CA ILE D 256 -2.53 -2.99 32.23
C ILE D 256 -1.37 -2.22 32.88
N VAL D 257 -1.63 -0.99 33.35
CA VAL D 257 -0.59 -0.24 34.02
C VAL D 257 -0.09 -0.99 35.32
N ASP D 258 -1.00 -1.51 36.14
CA ASP D 258 -0.57 -2.24 37.30
C ASP D 258 0.09 -3.54 36.88
N PHE D 259 -0.47 -4.25 35.89
CA PHE D 259 0.16 -5.49 35.49
C PHE D 259 1.57 -5.18 35.00
N GLY D 260 1.72 -4.13 34.21
CA GLY D 260 3.02 -3.79 33.68
C GLY D 260 4.03 -3.40 34.78
N THR D 261 3.58 -2.68 35.79
CA THR D 261 4.44 -2.30 36.90
C THR D 261 5.05 -3.53 37.58
N GLU D 262 4.19 -4.48 37.98
CA GLU D 262 4.61 -5.75 38.55
C GLU D 262 5.52 -6.52 37.62
N TRP D 263 5.24 -6.52 36.32
CA TRP D 263 6.03 -7.27 35.37
C TRP D 263 7.46 -6.73 35.40
N PHE D 264 7.57 -5.41 35.40
N PHE D 264 7.58 -5.41 35.40
CA PHE D 264 8.86 -4.77 35.40
CA PHE D 264 8.87 -4.77 35.39
C PHE D 264 9.69 -5.08 36.62
C PHE D 264 9.69 -5.08 36.62
N ARG D 265 9.02 -5.11 37.78
CA ARG D 265 9.63 -5.58 39.01
C ARG D 265 9.97 -7.07 39.07
N LYS D 266 9.61 -7.84 38.03
CA LYS D 266 9.92 -9.27 37.92
C LYS D 266 9.16 -10.03 39.00
N1A ACO E . 11.65 17.24 5.04
C2A ACO E . 11.52 16.88 3.76
N3A ACO E . 10.66 15.94 3.37
C4A ACO E . 9.90 15.36 4.32
C5A ACO E . 10.04 15.74 5.66
C6A ACO E . 10.97 16.70 6.01
N6A ACO E . 11.17 17.15 7.27
N7A ACO E . 9.16 15.03 6.34
C8A ACO E . 8.51 14.21 5.47
N9A ACO E . 8.99 14.41 4.25
C1B ACO E . 8.54 13.77 2.98
C2B ACO E . 7.99 12.43 3.35
O2B ACO E . 8.44 11.55 2.36
C3B ACO E . 6.50 12.61 3.15
O3B ACO E . 6.08 11.41 2.57
P3B ACO E . 4.74 10.66 3.08
O7A ACO E . 5.17 9.17 3.01
O8A ACO E . 4.48 11.02 4.60
O9A ACO E . 3.63 10.99 2.15
C4B ACO E . 6.45 13.66 2.08
O4B ACO E . 7.46 14.55 2.50
C5B ACO E . 5.10 14.29 2.02
O5B ACO E . 5.18 15.56 1.41
P1A ACO E . 4.12 15.94 0.28
O1A ACO E . 2.79 15.82 0.90
O2A ACO E . 4.35 17.26 -0.33
O3A ACO E . 4.24 14.75 -0.76
P2A ACO E . 5.23 14.73 -1.94
O4A ACO E . 5.38 13.30 -2.25
O5A ACO E . 6.56 15.37 -1.87
O6A ACO E . 4.42 15.38 -3.12
CBP ACO E . 2.16 15.87 -4.10
CCP ACO E . 3.15 14.77 -3.60
CDP ACO E . 1.61 16.66 -2.89
CEP ACO E . 0.99 15.19 -4.89
CAP ACO E . 2.90 16.85 -5.00
OAP ACO E . 3.59 16.09 -5.96
C9P ACO E . 1.89 17.81 -5.65
O9P ACO E . 1.25 17.50 -6.65
N8P ACO E . 1.69 18.96 -5.04
C7P ACO E . 0.80 19.96 -5.59
C6P ACO E . -0.54 19.79 -4.98
C5P ACO E . -1.45 20.77 -5.66
O5P ACO E . -1.24 21.98 -5.66
N4P ACO E . -2.42 20.20 -6.37
C3P ACO E . -3.38 21.05 -7.07
C2P ACO E . -4.63 20.19 -7.31
S1P ACO E . -4.52 19.45 -8.99
C ACO E . -5.22 20.88 -9.74
O ACO E . -6.08 21.52 -9.10
CH3 ACO E . -4.73 21.29 -11.14
N1A ACO F . -6.06 -28.31 -11.25
C2A ACO F . -5.18 -29.20 -10.86
N3A ACO F . -3.90 -29.03 -11.15
C4A ACO F . -3.50 -27.96 -11.76
C5A ACO F . -4.39 -27.02 -12.16
C6A ACO F . -5.72 -27.23 -11.90
N6A ACO F . -6.68 -26.33 -12.26
N7A ACO F . -3.69 -26.03 -12.75
C8A ACO F . -2.40 -26.38 -12.76
N9A ACO F . -2.31 -27.55 -12.12
C1B ACO F . -1.08 -28.34 -11.81
C2B ACO F . 0.02 -28.14 -12.82
O2B ACO F . 0.68 -29.39 -12.80
C3B ACO F . 0.91 -27.10 -12.12
O3B ACO F . 2.25 -27.38 -12.42
P3B ACO F . 3.11 -26.46 -13.31
O7A ACO F . 3.16 -25.02 -12.67
O8A ACO F . 4.48 -27.21 -13.18
O9A ACO F . 2.65 -26.32 -14.74
C4B ACO F . 0.77 -27.53 -10.66
O4B ACO F . -0.58 -27.89 -10.53
C5B ACO F . 1.12 -26.34 -9.76
O5B ACO F . 0.78 -26.74 -8.41
P1A ACO F . 1.91 -26.89 -7.25
O1A ACO F . 2.70 -25.66 -7.33
O2A ACO F . 1.25 -27.23 -5.99
O3A ACO F . 3.00 -27.95 -7.71
P2A ACO F . 2.89 -29.45 -7.50
O4A ACO F . 3.91 -30.04 -8.46
O5A ACO F . 1.60 -30.12 -7.38
O6A ACO F . 3.65 -29.85 -6.16
CBP ACO F . 5.26 -28.84 -4.46
CCP ACO F . 5.03 -29.31 -5.95
CDP ACO F . 4.49 -27.55 -4.24
CEP ACO F . 6.74 -28.53 -4.31
CAP ACO F . 4.79 -29.87 -3.44
OAP ACO F . 5.33 -31.18 -3.73
C9P ACO F . 5.22 -29.43 -1.99
O9P ACO F . 6.30 -29.75 -1.50
N8P ACO F . 4.31 -28.70 -1.36
C7P ACO F . 4.50 -28.20 0.00
C6P ACO F . 5.59 -27.13 0.05
C5P ACO F . 5.73 -26.71 1.52
O5P ACO F . 4.78 -26.37 2.20
N4P ACO F . 6.89 -26.83 2.04
C3P ACO F . 7.02 -26.42 3.42
C2P ACO F . 8.34 -25.78 3.56
S1P ACO F . 9.48 -27.17 3.55
C ACO F . 9.91 -27.16 5.23
O ACO F . 9.80 -26.09 5.83
CH3 ACO F . 10.44 -28.45 5.89
MG MG G . -0.70 -8.59 -0.76
N1A ACO H . 16.82 -15.86 -12.98
C2A ACO H . 16.61 -16.32 -14.21
N3A ACO H . 15.70 -17.28 -14.43
C4A ACO H . 14.96 -17.73 -13.42
C5A ACO H . 15.15 -17.28 -12.13
C6A ACO H . 16.13 -16.32 -11.91
N6A ACO H . 16.39 -15.79 -10.71
N7A ACO H . 14.27 -17.91 -11.34
C8A ACO H . 13.59 -18.78 -12.10
N9A ACO H . 14.03 -18.66 -13.36
C1B ACO H . 13.53 -19.37 -14.52
C2B ACO H . 12.93 -20.72 -14.12
O2B ACO H . 13.35 -21.63 -15.13
C3B ACO H . 11.43 -20.48 -14.26
O3B ACO H . 10.85 -21.67 -14.80
P3B ACO H . 9.86 -22.51 -13.88
O7A ACO H . 8.79 -21.48 -13.21
O8A ACO H . 9.17 -23.47 -14.91
O9A ACO H . 10.56 -23.32 -12.86
C4B ACO H . 11.36 -19.42 -15.36
O4B ACO H . 12.45 -18.51 -15.02
C5B ACO H . 10.12 -18.61 -15.18
O5B ACO H . 10.12 -17.53 -16.12
P1A ACO H . 8.82 -17.28 -17.09
O1A ACO H . 7.58 -17.42 -16.29
O2A ACO H . 8.96 -15.98 -17.75
O3A ACO H . 8.83 -18.55 -18.05
P2A ACO H . 9.70 -18.64 -19.31
O4A ACO H . 9.83 -20.07 -19.46
O5A ACO H . 11.00 -18.00 -19.42
O6A ACO H . 8.84 -18.07 -20.51
CBP ACO H . 6.54 -17.59 -21.33
CCP ACO H . 7.53 -18.67 -20.80
CDP ACO H . 6.15 -16.74 -20.07
CEP ACO H . 5.32 -18.27 -21.99
CAP ACO H . 7.20 -16.69 -22.36
OAP ACO H . 7.86 -17.52 -23.30
C9P ACO H . 6.16 -15.82 -23.04
O9P ACO H . 5.53 -16.23 -24.01
N8P ACO H . 6.04 -14.59 -22.58
C7P ACO H . 5.15 -13.65 -23.23
C6P ACO H . 3.81 -13.72 -22.60
C5P ACO H . 2.94 -12.57 -23.15
O5P ACO H . 3.19 -11.37 -22.95
N4P ACO H . 1.87 -12.97 -23.86
C3P ACO H . 0.92 -12.00 -24.38
C2P ACO H . -0.35 -12.75 -24.60
S1P ACO H . -0.19 -13.63 -26.20
C ACO H . -1.01 -12.36 -27.12
O ACO H . -1.96 -11.82 -26.57
CH3 ACO H . -0.55 -11.97 -28.54
N1A ACO I . -10.42 4.24 4.43
C2A ACO I . -9.48 3.40 4.83
N3A ACO I . -8.21 3.68 4.72
C4A ACO I . -7.85 4.84 4.15
C5A ACO I . -8.81 5.72 3.69
C6A ACO I . -10.13 5.39 3.86
N6A ACO I . -11.13 6.20 3.45
N7A ACO I . -8.15 6.74 3.18
C8A ACO I . -6.84 6.49 3.23
N9A ACO I . -6.67 5.33 3.82
C1B ACO I . -5.44 4.65 4.17
C2B ACO I . -4.25 4.93 3.28
O2B ACO I . -3.65 3.66 3.20
C3B ACO I . -3.37 5.85 4.18
O3B ACO I . -2.01 5.53 3.97
P3B ACO I . -1.09 6.47 3.13
O7A ACO I . -1.02 7.84 3.88
O8A ACO I . 0.26 5.68 3.20
O9A ACO I . -1.48 6.65 1.70
C4B ACO I . -3.68 5.32 5.55
O4B ACO I . -5.08 5.12 5.49
C5B ACO I . -3.30 6.38 6.64
O5B ACO I . -3.83 5.98 7.90
P1A ACO I . -2.91 5.91 9.26
O1A ACO I . -2.22 7.18 9.24
O2A ACO I . -3.72 5.52 10.42
O3A ACO I . -1.75 4.98 8.98
P2A ACO I . -1.75 3.39 8.94
O4A ACO I . -0.79 3.02 7.86
O5A ACO I . -3.04 2.69 8.87
O6A ACO I . -1.01 2.90 10.32
CBP ACO I . 0.37 3.97 12.07
CCP ACO I . 0.32 3.44 10.59
CDP ACO I . -0.43 5.31 12.15
CEP ACO I . 1.87 4.23 12.41
CAP ACO I . -0.24 2.87 12.97
OAP ACO I . 0.37 1.61 12.67
C9P ACO I . -0.05 3.12 14.48
O9P ACO I . 0.84 2.57 15.11
N8P ACO I . -0.98 3.81 15.06
C7P ACO I . -0.88 4.02 16.51
C6P ACO I . 0.15 5.09 16.74
C5P ACO I . 0.14 5.49 18.23
O5P ACO I . -0.89 5.58 18.87
N4P ACO I . 1.33 5.71 18.75
C3P ACO I . 1.50 6.11 20.13
C2P ACO I . 2.88 6.67 20.26
S1P ACO I . 3.93 5.21 20.45
C ACO I . 3.90 5.24 22.20
O ACO I . 3.59 6.28 22.75
CH3 ACO I . 4.25 3.98 23.01
MG MG J . -7.58 23.67 16.81
N1 EPE K . 13.36 12.10 39.83
C2 EPE K . 12.47 12.58 38.70
C3 EPE K . 13.09 13.67 37.84
N4 EPE K . 13.52 14.75 38.71
C5 EPE K . 14.60 14.25 39.51
C6 EPE K . 14.09 13.21 40.47
C7 EPE K . 13.97 15.94 37.97
C8 EPE K . 13.65 17.24 38.74
O8 EPE K . 12.46 17.10 39.53
C9 EPE K . 14.24 11.06 39.36
C10 EPE K . 14.39 10.04 40.50
S EPE K . 12.76 9.61 41.21
O1S EPE K . 11.77 10.35 40.40
O2S EPE K . 12.59 8.17 41.06
O3S EPE K . 12.78 10.06 42.61
#